data_9F3Q
#
_entry.id   9F3Q
#
_cell.length_a   1.00
_cell.length_b   1.00
_cell.length_c   1.00
_cell.angle_alpha   90.00
_cell.angle_beta   90.00
_cell.angle_gamma   90.00
#
_symmetry.space_group_name_H-M   'P 1'
#
loop_
_entity.id
_entity.type
_entity.pdbx_description
1 polymer 'Capsid protein VP1'
2 polymer 'Capsid protein VP0'
3 polymer 'Capsid protein VP3'
4 non-polymer 1-[(3S)-5-[4-[(E)-ETHOXYIMINOMETHYL]PHENOXY]-3-METHYL-PENTYL]-3-PYRIDIN-4-YL-IMIDAZOLIDIN-2-ONE
5 non-polymer GLUTATHIONE
#
loop_
_entity_poly.entity_id
_entity_poly.type
_entity_poly.pdbx_seq_one_letter_code
_entity_poly.pdbx_strand_id
1 'polypeptide(L)'
;GLGQMLESMIDNTVRETVGAATSRDALPNTEASGPTHSKEIPALTAVETGATNPLVPSDTVQTRHVVQHRSRSESSIESF
FARGACVTIMTVDNPASTTNKDKLFAVWKITYKDTVQLRRKLEFFTYSRFDMELTFVVTANFTETNNGHALNQVYQIMYV
PPGAPVPEKWDDYTWQTSSNPSIFYTYGTAPARISVPYVGISNAYSHFYDGFSKVPLKDQSAALGDSLYGAASLNDFGIL
AVRVVNDPNPTKVTSKIRVYLKPKHIRVWCPRPPRAVAYYGPGVDYKDGTLTPLSTKDLTTY
;
A
2 'polypeptide(L)'
;MGAQVSSQKVGAHENSNGAYGGSTINYTTINYYRDSASNAASKQDFSQDPSKFTEPIKDVLIKTAPMLNSPNIEACGYSD
RVLQLTLGNSTITAQEAANSVVAYGRWPEYLRDSEANPVDQPTEPEVAACRFYTLDTVSWTKESRGWWWKLPDALRDMGL
FGQNMYYHYLGRSGYTVHVQCNASKFHQGALGVFAVPEMCLAGDSNTTTMHTSYQNANPGEKGGTFTGTFTPDNNQTSPA
RRFCPVDYLLGNGTLLGNAFVFPHQIINLRTNNCATLVLPYVNSLSIDSMVKHNNWGIAILPLAPLNFASESSPEIPITL
TIAPMCCEFNGLRNITLPRLQ
;
B
3 'polypeptide(L)'
;GLPVMNTPGSNQYLTADNFQSPCALPEFDVTPPIDIPGEVKNMMELAEIDTMIPFDLSATKKNTMEMYRVRLSDKPHTDD
PILCLSLSPASDPRLSHTMLGEILNYYTHWAGSLKFTFMFCGSMMATGKLLVSYAPPGADPPKKRKEAMLGTHVIWDIGL
QSSCTMVVPWISNTTYRLTIDDSFTEGGYISVFYQTRIVVPLSTPREMDILGFVSACNDFSVRLLRDTTHIEQKALAQ
;
C
#
loop_
_chem_comp.id
_chem_comp.type
_chem_comp.name
_chem_comp.formula
GSH non-polymer GLUTATHIONE 'C10 H17 N3 O6 S'
YM2 non-polymer 1-[(3S)-5-[4-[(E)-ETHOXYIMINOMETHYL]PHENOXY]-3-METHYL-PENTYL]-3-PYRIDIN-4-YL-IMIDAZOLIDIN-2-ONE 'C23 H30 N4 O3'
#
# COMPACT_ATOMS: atom_id res chain seq x y z
N THR A 22 -0.53 12.73 -22.81
CA THR A 22 -1.12 13.28 -21.58
C THR A 22 -2.21 12.35 -21.04
N SER A 23 -2.64 12.59 -19.80
CA SER A 23 -3.65 11.76 -19.18
C SER A 23 -5.00 11.85 -19.90
N ARG A 24 -5.25 12.92 -20.65
CA ARG A 24 -6.49 13.08 -21.37
C ARG A 24 -6.47 12.41 -22.74
N ASP A 25 -5.38 11.75 -23.11
CA ASP A 25 -5.34 10.98 -24.34
C ASP A 25 -6.31 9.81 -24.25
N ALA A 26 -7.03 9.55 -25.35
CA ALA A 26 -8.00 8.48 -25.38
C ALA A 26 -7.30 7.12 -25.35
N LEU A 27 -8.04 6.11 -24.91
CA LEU A 27 -7.53 4.76 -24.81
C LEU A 27 -7.52 4.08 -26.18
N PRO A 28 -6.78 2.99 -26.34
CA PRO A 28 -6.65 2.36 -27.66
C PRO A 28 -7.98 1.85 -28.19
N ASN A 29 -8.10 1.86 -29.51
CA ASN A 29 -9.28 1.34 -30.18
C ASN A 29 -9.31 -0.18 -30.12
N THR A 30 -10.52 -0.74 -30.22
CA THR A 30 -10.68 -2.17 -30.39
C THR A 30 -10.56 -2.54 -31.87
N GLU A 31 -10.01 -3.72 -32.13
CA GLU A 31 -9.76 -4.18 -33.48
C GLU A 31 -10.64 -5.37 -33.82
N ALA A 32 -11.10 -5.43 -35.07
CA ALA A 32 -11.88 -6.56 -35.52
C ALA A 32 -11.01 -7.81 -35.60
N SER A 33 -11.56 -8.94 -35.17
CA SER A 33 -10.88 -10.22 -35.22
C SER A 33 -11.86 -11.31 -35.58
N GLY A 34 -11.43 -12.23 -36.45
CA GLY A 34 -12.27 -13.31 -36.90
C GLY A 34 -11.93 -14.62 -36.22
N PRO A 35 -12.38 -15.73 -36.81
CA PRO A 35 -12.05 -17.05 -36.25
C PRO A 35 -10.57 -17.36 -36.44
N THR A 36 -10.04 -18.17 -35.53
CA THR A 36 -8.62 -18.48 -35.52
C THR A 36 -8.41 -19.97 -35.31
N HIS A 37 -7.28 -20.47 -35.80
CA HIS A 37 -6.92 -21.88 -35.65
C HIS A 37 -5.39 -21.94 -35.76
N SER A 38 -4.72 -22.04 -34.61
CA SER A 38 -3.26 -21.94 -34.58
C SER A 38 -2.74 -22.67 -33.37
N LYS A 39 -1.42 -22.94 -33.40
CA LYS A 39 -0.75 -23.61 -32.29
C LYS A 39 -0.53 -22.67 -31.11
N GLU A 40 -0.22 -21.41 -31.37
CA GLU A 40 0.06 -20.46 -30.29
C GLU A 40 -1.13 -20.38 -29.33
N ILE A 41 -0.83 -20.41 -28.05
CA ILE A 41 -1.83 -20.32 -26.99
C ILE A 41 -1.51 -19.10 -26.13
N PRO A 42 -2.17 -17.96 -26.38
CA PRO A 42 -2.00 -16.82 -25.46
C PRO A 42 -2.77 -16.96 -24.15
N ALA A 43 -3.85 -17.74 -24.12
CA ALA A 43 -4.65 -17.83 -22.90
C ALA A 43 -3.88 -18.52 -21.78
N LEU A 44 -3.31 -19.69 -22.05
CA LEU A 44 -2.53 -20.39 -21.03
C LEU A 44 -1.25 -19.64 -20.75
N THR A 45 -0.85 -19.64 -19.49
CA THR A 45 0.30 -18.86 -19.04
C THR A 45 0.84 -19.48 -17.76
N ALA A 46 1.75 -18.76 -17.09
CA ALA A 46 2.30 -19.19 -15.81
C ALA A 46 2.41 -17.96 -14.92
N VAL A 47 1.70 -17.99 -13.78
CA VAL A 47 1.76 -16.89 -12.84
C VAL A 47 2.89 -17.04 -11.83
N GLU A 48 3.58 -18.18 -11.83
CA GLU A 48 4.73 -18.36 -10.94
C GLU A 48 5.87 -17.41 -11.29
N THR A 49 5.93 -16.93 -12.53
CA THR A 49 7.00 -16.02 -12.92
C THR A 49 6.93 -14.72 -12.14
N GLY A 50 5.73 -14.20 -11.90
CA GLY A 50 5.54 -12.94 -11.21
C GLY A 50 5.02 -11.82 -12.07
N ALA A 51 4.63 -12.10 -13.31
CA ALA A 51 4.11 -11.10 -14.23
C ALA A 51 2.61 -11.31 -14.44
N THR A 52 2.00 -10.34 -15.13
CA THR A 52 0.57 -10.37 -15.43
C THR A 52 0.39 -10.53 -16.93
N ASN A 53 -0.53 -11.39 -17.32
CA ASN A 53 -0.80 -11.65 -18.73
C ASN A 53 -1.49 -10.45 -19.35
N PRO A 54 -0.90 -9.81 -20.37
CA PRO A 54 -1.52 -8.61 -20.96
C PRO A 54 -2.46 -8.94 -22.12
N LEU A 55 -3.54 -9.64 -21.82
CA LEU A 55 -4.51 -10.02 -22.83
C LEU A 55 -5.49 -8.89 -23.12
N VAL A 56 -6.01 -8.89 -24.34
CA VAL A 56 -7.08 -7.99 -24.74
C VAL A 56 -8.25 -8.85 -25.18
N PRO A 57 -9.46 -8.28 -25.28
CA PRO A 57 -10.63 -9.09 -25.66
C PRO A 57 -10.47 -9.74 -27.02
N SER A 58 -9.64 -9.19 -27.90
CA SER A 58 -9.46 -9.73 -29.24
C SER A 58 -8.74 -11.07 -29.26
N ASP A 59 -8.18 -11.51 -28.14
CA ASP A 59 -7.43 -12.76 -28.08
C ASP A 59 -8.29 -13.97 -27.73
N THR A 60 -9.56 -13.77 -27.38
CA THR A 60 -10.41 -14.87 -26.93
C THR A 60 -11.78 -14.91 -27.60
N VAL A 61 -12.28 -13.81 -28.14
CA VAL A 61 -13.58 -13.77 -28.80
C VAL A 61 -13.45 -12.95 -30.08
N GLN A 62 -14.41 -13.15 -30.98
CA GLN A 62 -14.49 -12.32 -32.17
C GLN A 62 -15.05 -10.94 -31.79
N THR A 63 -14.36 -9.90 -32.21
CA THR A 63 -14.71 -8.53 -31.85
C THR A 63 -14.90 -7.68 -33.10
N ARG A 64 -15.55 -6.55 -32.92
CA ARG A 64 -15.74 -5.57 -33.97
C ARG A 64 -14.80 -4.38 -33.75
N HIS A 65 -14.75 -3.51 -34.75
CA HIS A 65 -13.95 -2.29 -34.63
C HIS A 65 -14.74 -1.23 -33.87
N VAL A 66 -14.10 -0.66 -32.84
CA VAL A 66 -14.69 0.39 -32.02
C VAL A 66 -13.71 1.54 -31.92
N VAL A 67 -14.17 2.75 -32.17
CA VAL A 67 -13.36 3.95 -31.97
C VAL A 67 -13.54 4.40 -30.51
N GLN A 68 -12.43 4.42 -29.78
CA GLN A 68 -12.48 4.68 -28.34
C GLN A 68 -12.49 6.17 -28.06
N HIS A 69 -13.27 6.57 -27.05
CA HIS A 69 -13.37 7.97 -26.64
C HIS A 69 -13.02 8.21 -25.18
N ARG A 70 -13.07 7.19 -24.33
CA ARG A 70 -12.83 7.38 -22.91
C ARG A 70 -11.34 7.62 -22.65
N SER A 71 -11.06 8.27 -21.51
CA SER A 71 -9.70 8.57 -21.12
C SER A 71 -9.56 8.39 -19.61
N ARG A 72 -8.32 8.39 -19.13
CA ARG A 72 -7.99 8.19 -17.73
C ARG A 72 -7.51 9.48 -17.09
N SER A 73 -8.14 10.60 -17.44
CA SER A 73 -7.69 11.90 -16.95
C SER A 73 -8.04 12.11 -15.48
N GLU A 74 -9.10 11.47 -14.99
CA GLU A 74 -9.58 11.72 -13.64
C GLU A 74 -8.97 10.80 -12.60
N SER A 75 -8.20 9.80 -13.00
CA SER A 75 -7.56 8.88 -12.07
C SER A 75 -6.08 9.17 -11.88
N SER A 76 -5.57 10.25 -12.45
CA SER A 76 -4.16 10.58 -12.28
C SER A 76 -3.88 10.90 -10.81
N ILE A 77 -2.59 10.99 -10.48
CA ILE A 77 -2.19 11.23 -9.11
C ILE A 77 -2.60 12.64 -8.68
N GLU A 78 -2.49 13.61 -9.59
CA GLU A 78 -2.89 14.97 -9.27
C GLU A 78 -4.39 15.05 -8.98
N SER A 79 -5.20 14.36 -9.79
CA SER A 79 -6.65 14.44 -9.62
C SER A 79 -7.11 13.68 -8.37
N PHE A 80 -6.47 12.55 -8.08
CA PHE A 80 -6.87 11.73 -6.95
C PHE A 80 -6.70 12.46 -5.61
N PHE A 81 -5.87 13.50 -5.56
CA PHE A 81 -5.60 14.23 -4.32
C PHE A 81 -6.03 15.69 -4.37
N ALA A 82 -6.84 16.08 -5.35
CA ALA A 82 -7.18 17.50 -5.54
C ALA A 82 -8.45 17.89 -4.78
N ARG A 83 -8.48 17.61 -3.48
CA ARG A 83 -9.58 18.03 -2.61
C ARG A 83 -9.01 18.46 -1.28
N GLY A 84 -9.75 19.33 -0.58
CA GLY A 84 -9.39 19.74 0.75
C GLY A 84 -9.97 18.82 1.81
N ALA A 85 -9.12 18.23 2.64
CA ALA A 85 -9.52 17.27 3.65
C ALA A 85 -9.27 17.84 5.04
N CYS A 86 -10.22 17.66 5.93
CA CYS A 86 -10.07 18.12 7.31
C CYS A 86 -9.01 17.29 8.02
N VAL A 87 -8.07 17.97 8.68
CA VAL A 87 -7.02 17.30 9.43
C VAL A 87 -7.13 17.52 10.92
N THR A 88 -7.80 18.58 11.37
CA THR A 88 -7.95 18.78 12.81
C THR A 88 -9.00 19.84 13.07
N ILE A 89 -9.52 19.81 14.29
CA ILE A 89 -10.42 20.83 14.83
C ILE A 89 -9.83 21.31 16.16
N MET A 90 -9.48 22.59 16.23
CA MET A 90 -8.91 23.21 17.41
C MET A 90 -9.95 24.06 18.12
N THR A 91 -9.80 24.21 19.44
CA THR A 91 -10.78 24.89 20.28
C THR A 91 -10.12 26.02 21.05
N VAL A 92 -10.72 27.21 20.99
CA VAL A 92 -10.28 28.36 21.78
C VAL A 92 -11.51 28.99 22.42
N ASP A 93 -11.28 29.83 23.42
CA ASP A 93 -12.37 30.56 24.03
C ASP A 93 -11.87 31.88 24.58
N ASN A 94 -12.81 32.81 24.73
CA ASN A 94 -12.59 34.07 25.42
C ASN A 94 -13.52 34.08 26.62
N PRO A 95 -13.01 33.98 27.85
CA PRO A 95 -13.87 33.79 29.02
C PRO A 95 -14.49 35.09 29.50
N ALA A 96 -15.36 34.95 30.50
CA ALA A 96 -16.03 36.11 31.08
C ALA A 96 -15.06 36.92 31.93
N SER A 97 -15.28 38.24 31.94
CA SER A 97 -14.46 39.13 32.76
C SER A 97 -14.69 38.93 34.25
N THR A 98 -15.85 38.40 34.64
CA THR A 98 -16.24 38.26 36.03
C THR A 98 -15.94 36.87 36.59
N THR A 99 -14.88 36.23 36.11
CA THR A 99 -14.49 34.90 36.55
C THR A 99 -12.98 34.89 36.82
N ASN A 100 -12.47 33.71 37.18
CA ASN A 100 -11.05 33.52 37.44
C ASN A 100 -10.42 32.53 36.47
N LYS A 101 -11.18 32.05 35.48
CA LYS A 101 -10.65 31.07 34.54
C LYS A 101 -9.55 31.68 33.68
N ASP A 102 -8.50 30.91 33.43
CA ASP A 102 -7.47 31.34 32.50
C ASP A 102 -8.00 31.29 31.07
N LYS A 103 -7.58 32.27 30.27
CA LYS A 103 -7.94 32.28 28.86
C LYS A 103 -7.29 31.10 28.15
N LEU A 104 -8.06 30.45 27.29
CA LEU A 104 -7.64 29.22 26.64
C LEU A 104 -7.09 29.52 25.25
N PHE A 105 -5.89 29.00 24.96
CA PHE A 105 -5.34 29.04 23.62
C PHE A 105 -4.96 27.62 23.22
N ALA A 106 -5.01 27.35 21.92
CA ALA A 106 -4.89 25.98 21.41
C ALA A 106 -3.50 25.75 20.82
N VAL A 107 -2.98 24.55 21.05
CA VAL A 107 -1.72 24.09 20.47
C VAL A 107 -1.99 22.78 19.76
N TRP A 108 -1.51 22.66 18.51
CA TRP A 108 -1.69 21.45 17.73
C TRP A 108 -0.38 21.07 17.05
N LYS A 109 0.00 19.80 17.19
CA LYS A 109 1.19 19.28 16.53
C LYS A 109 0.83 18.83 15.12
N ILE A 110 1.56 19.37 14.13
CA ILE A 110 1.19 19.19 12.73
C ILE A 110 1.36 17.73 12.34
N THR A 111 0.31 17.16 11.73
CA THR A 111 0.29 15.77 11.30
C THR A 111 -1.02 15.54 10.54
N TYR A 112 -1.01 14.55 9.66
CA TYR A 112 -2.22 14.15 8.95
C TYR A 112 -2.84 12.89 9.51
N LYS A 113 -2.39 12.43 10.68
CA LYS A 113 -2.81 11.14 11.23
C LYS A 113 -3.88 11.27 12.31
N ASP A 114 -4.41 12.46 12.55
CA ASP A 114 -5.54 12.60 13.47
C ASP A 114 -6.85 12.19 12.83
N THR A 115 -6.91 12.10 11.50
CA THR A 115 -8.09 11.67 10.76
C THR A 115 -7.74 10.43 9.95
N VAL A 116 -8.75 9.84 9.31
CA VAL A 116 -8.58 8.54 8.68
C VAL A 116 -8.69 8.60 7.16
N GLN A 117 -9.44 9.54 6.60
CA GLN A 117 -9.71 9.52 5.16
C GLN A 117 -8.46 9.88 4.36
N LEU A 118 -7.89 11.05 4.61
CA LEU A 118 -6.67 11.42 3.93
C LEU A 118 -5.52 10.49 4.29
N ARG A 119 -5.49 10.01 5.53
CA ARG A 119 -4.43 9.08 5.92
C ARG A 119 -4.49 7.82 5.07
N ARG A 120 -5.69 7.25 4.92
CA ARG A 120 -5.84 6.05 4.10
C ARG A 120 -5.51 6.33 2.64
N LYS A 121 -5.93 7.49 2.12
CA LYS A 121 -5.60 7.82 0.74
C LYS A 121 -4.09 7.94 0.53
N LEU A 122 -3.39 8.55 1.49
CA LEU A 122 -1.96 8.76 1.35
C LEU A 122 -1.19 7.46 1.50
N GLU A 123 -1.62 6.58 2.41
CA GLU A 123 -0.87 5.36 2.70
C GLU A 123 -1.09 4.27 1.66
N PHE A 124 -1.64 4.61 0.50
CA PHE A 124 -1.55 3.74 -0.66
C PHE A 124 -0.12 3.63 -1.17
N PHE A 125 0.78 4.49 -0.73
CA PHE A 125 2.14 4.56 -1.24
C PHE A 125 3.11 4.68 -0.07
N THR A 126 4.39 4.43 -0.36
CA THR A 126 5.42 4.49 0.66
C THR A 126 6.06 5.87 0.78
N TYR A 127 6.32 6.55 -0.33
CA TYR A 127 6.99 7.84 -0.29
C TYR A 127 6.23 8.85 -1.13
N SER A 128 6.36 10.13 -0.77
CA SER A 128 5.68 11.18 -1.53
C SER A 128 6.35 12.53 -1.31
N ARG A 129 6.23 13.38 -2.33
CA ARG A 129 6.61 14.79 -2.27
C ARG A 129 5.41 15.62 -2.70
N PHE A 130 5.16 16.72 -1.99
CA PHE A 130 4.08 17.60 -2.41
C PHE A 130 4.18 18.94 -1.70
N ASP A 131 3.72 19.99 -2.38
CA ASP A 131 3.42 21.26 -1.73
C ASP A 131 2.06 21.17 -1.05
N MET A 132 1.83 22.04 -0.08
CA MET A 132 0.64 21.99 0.75
C MET A 132 -0.14 23.29 0.67
N GLU A 133 -1.45 23.19 0.86
CA GLU A 133 -2.32 24.37 0.93
C GLU A 133 -3.24 24.20 2.11
N LEU A 134 -3.18 25.13 3.06
CA LEU A 134 -3.96 25.06 4.29
C LEU A 134 -5.06 26.10 4.26
N THR A 135 -6.27 25.69 4.63
CA THR A 135 -7.42 26.57 4.75
C THR A 135 -8.00 26.46 6.16
N PHE A 136 -8.37 27.59 6.72
CA PHE A 136 -8.87 27.68 8.09
C PHE A 136 -10.30 28.21 8.07
N VAL A 137 -11.22 27.45 8.68
CA VAL A 137 -12.62 27.84 8.80
C VAL A 137 -12.93 27.99 10.29
N VAL A 138 -13.40 29.18 10.68
CA VAL A 138 -13.59 29.54 12.08
C VAL A 138 -15.07 29.74 12.35
N THR A 139 -15.56 29.19 13.46
CA THR A 139 -16.93 29.39 13.92
C THR A 139 -16.93 29.70 15.40
N ALA A 140 -17.95 30.42 15.86
CA ALA A 140 -18.03 30.87 17.25
C ALA A 140 -19.46 30.78 17.74
N ASN A 141 -19.62 30.75 19.07
CA ASN A 141 -20.94 30.73 19.67
C ASN A 141 -20.86 31.21 21.11
N PHE A 142 -22.04 31.56 21.65
CA PHE A 142 -22.17 31.93 23.05
C PHE A 142 -22.36 30.68 23.90
N THR A 143 -21.98 30.78 25.17
CA THR A 143 -22.04 29.67 26.09
C THR A 143 -23.09 29.80 27.18
N GLU A 144 -23.56 31.03 27.45
CA GLU A 144 -24.51 31.28 28.52
C GLU A 144 -25.75 31.97 27.98
N THR A 145 -26.88 31.70 28.62
CA THR A 145 -28.16 32.28 28.21
C THR A 145 -28.20 33.79 28.39
N ASN A 146 -27.25 34.37 29.15
CA ASN A 146 -27.27 35.80 29.39
C ASN A 146 -27.26 36.57 28.09
N ASN A 147 -28.09 37.61 28.02
CA ASN A 147 -28.20 38.44 26.82
C ASN A 147 -26.95 39.25 26.53
N GLY A 148 -25.89 39.12 27.34
CA GLY A 148 -24.67 39.87 27.11
C GLY A 148 -24.17 39.77 25.70
N HIS A 149 -23.40 40.76 25.26
CA HIS A 149 -22.96 40.88 23.88
C HIS A 149 -21.44 40.87 23.80
N ALA A 150 -20.94 40.87 22.56
CA ALA A 150 -19.51 40.88 22.31
C ALA A 150 -19.25 41.52 20.96
N LEU A 151 -18.11 42.19 20.84
CA LEU A 151 -17.69 42.79 19.59
C LEU A 151 -16.89 41.79 18.77
N ASN A 152 -16.78 42.06 17.47
CA ASN A 152 -16.17 41.12 16.55
C ASN A 152 -14.76 40.77 17.01
N GLN A 153 -14.42 39.49 16.91
CA GLN A 153 -13.17 38.97 17.44
C GLN A 153 -12.13 38.78 16.34
N VAL A 154 -10.87 38.77 16.76
CA VAL A 154 -9.73 38.56 15.88
C VAL A 154 -8.89 37.43 16.45
N TYR A 155 -8.37 36.57 15.57
CA TYR A 155 -7.63 35.38 15.94
C TYR A 155 -6.21 35.45 15.40
N GLN A 156 -5.25 35.04 16.22
CA GLN A 156 -3.86 34.94 15.80
C GLN A 156 -3.47 33.47 15.71
N ILE A 157 -2.97 33.06 14.55
CA ILE A 157 -2.49 31.72 14.29
C ILE A 157 -1.00 31.81 13.99
N MET A 158 -0.19 31.18 14.83
CA MET A 158 1.26 31.30 14.77
C MET A 158 1.87 29.92 14.58
N TYR A 159 2.85 29.83 13.67
CA TYR A 159 3.56 28.58 13.41
C TYR A 159 4.88 28.61 14.16
N VAL A 160 5.08 27.63 15.04
CA VAL A 160 6.29 27.54 15.86
C VAL A 160 7.07 26.33 15.37
N PRO A 161 8.18 26.53 14.65
CA PRO A 161 9.00 25.39 14.21
C PRO A 161 9.71 24.74 15.38
N PRO A 162 10.30 23.56 15.19
CA PRO A 162 11.01 22.91 16.29
C PRO A 162 12.14 23.76 16.82
N GLY A 163 12.28 23.78 18.15
CA GLY A 163 13.35 24.51 18.80
C GLY A 163 13.02 25.94 19.15
N ALA A 164 11.93 26.49 18.64
CA ALA A 164 11.52 27.84 18.98
C ALA A 164 10.75 27.84 20.30
N PRO A 165 10.72 28.97 21.00
CA PRO A 165 9.98 29.02 22.27
C PRO A 165 8.48 28.87 22.06
N VAL A 166 7.87 28.08 22.93
CA VAL A 166 6.44 27.80 22.84
C VAL A 166 5.71 28.73 23.81
N PRO A 167 4.58 29.31 23.43
CA PRO A 167 3.85 30.17 24.36
C PRO A 167 3.32 29.38 25.56
N GLU A 168 3.29 30.05 26.71
CA GLU A 168 2.75 29.49 27.94
C GLU A 168 1.54 30.26 28.46
N LYS A 169 1.49 31.56 28.24
CA LYS A 169 0.31 32.37 28.50
C LYS A 169 -0.20 32.93 27.18
N TRP A 170 -1.47 33.35 27.18
CA TRP A 170 -2.08 33.85 25.95
C TRP A 170 -1.53 35.21 25.54
N ASP A 171 -0.75 35.88 26.39
CA ASP A 171 -0.29 37.23 26.09
C ASP A 171 1.17 37.43 26.50
N ASP A 172 1.99 36.39 26.44
CA ASP A 172 3.41 36.52 26.75
C ASP A 172 4.17 37.00 25.50
N TYR A 173 5.48 37.19 25.66
CA TYR A 173 6.27 37.82 24.61
C TYR A 173 6.34 36.99 23.34
N THR A 174 6.14 35.67 23.42
CA THR A 174 6.33 34.82 22.25
C THR A 174 5.42 35.21 21.10
N TRP A 175 4.32 35.90 21.38
CA TRP A 175 3.37 36.29 20.35
C TRP A 175 3.79 37.52 19.57
N GLN A 176 4.96 38.10 19.86
CA GLN A 176 5.44 39.24 19.09
C GLN A 176 5.83 38.86 17.67
N THR A 177 6.14 37.59 17.41
CA THR A 177 6.34 37.05 16.06
C THR A 177 7.32 37.90 15.25
N SER A 178 8.52 38.09 15.79
CA SER A 178 9.53 38.80 15.01
C SER A 178 10.03 37.93 13.86
N SER A 179 10.01 36.61 14.02
CA SER A 179 10.50 35.68 13.00
C SER A 179 9.54 34.56 12.68
N ASN A 180 8.60 34.22 13.55
CA ASN A 180 7.60 33.20 13.25
C ASN A 180 6.50 33.80 12.37
N PRO A 181 6.15 33.15 11.26
CA PRO A 181 5.02 33.65 10.47
C PRO A 181 3.70 33.49 11.22
N SER A 182 2.79 34.43 10.98
CA SER A 182 1.50 34.45 11.66
C SER A 182 0.42 34.90 10.69
N ILE A 183 -0.82 34.53 11.03
CA ILE A 183 -2.01 35.01 10.35
C ILE A 183 -2.92 35.66 11.37
N PHE A 184 -3.39 36.86 11.07
CA PHE A 184 -4.41 37.55 11.85
C PHE A 184 -5.71 37.51 11.06
N TYR A 185 -6.74 36.92 11.65
CA TYR A 185 -8.00 36.66 10.98
C TYR A 185 -9.14 37.37 11.70
N THR A 186 -9.92 38.15 10.94
CA THR A 186 -11.11 38.81 11.47
C THR A 186 -12.31 37.92 11.24
N TYR A 187 -13.11 37.73 12.30
CA TYR A 187 -14.28 36.86 12.21
C TYR A 187 -15.29 37.40 11.20
N GLY A 188 -15.96 36.50 10.50
CA GLY A 188 -17.00 36.85 9.56
C GLY A 188 -16.54 37.11 8.14
N THR A 189 -15.24 37.09 7.89
CA THR A 189 -14.70 37.28 6.55
C THR A 189 -14.45 35.92 5.90
N ALA A 190 -13.81 35.92 4.75
CA ALA A 190 -13.55 34.67 4.04
C ALA A 190 -12.60 33.80 4.86
N PRO A 191 -12.72 32.47 4.75
CA PRO A 191 -11.81 31.59 5.48
C PRO A 191 -10.36 31.85 5.09
N ALA A 192 -9.46 31.67 6.04
CA ALA A 192 -8.06 32.00 5.79
C ALA A 192 -7.40 30.92 4.95
N ARG A 193 -6.33 31.30 4.25
CA ARG A 193 -5.64 30.34 3.39
C ARG A 193 -4.16 30.71 3.26
N ILE A 194 -3.31 29.69 3.21
CA ILE A 194 -1.89 29.86 2.91
C ILE A 194 -1.39 28.65 2.13
N SER A 195 -0.18 28.77 1.60
CA SER A 195 0.47 27.70 0.86
C SER A 195 1.89 27.50 1.38
N VAL A 196 2.35 26.26 1.34
CA VAL A 196 3.66 25.86 1.88
C VAL A 196 4.38 25.01 0.84
N PRO A 197 5.71 25.11 0.72
CA PRO A 197 6.44 24.22 -0.20
C PRO A 197 6.75 22.87 0.42
N TYR A 198 7.53 22.04 -0.27
CA TYR A 198 8.04 20.80 0.31
C TYR A 198 9.18 21.15 1.27
N VAL A 199 9.04 20.75 2.54
CA VAL A 199 9.90 21.26 3.61
C VAL A 199 10.53 20.11 4.39
N GLY A 200 10.76 18.97 3.75
CA GLY A 200 11.37 17.86 4.43
C GLY A 200 12.89 17.89 4.39
N ILE A 201 13.51 17.20 5.36
CA ILE A 201 14.97 17.11 5.41
C ILE A 201 15.50 15.89 4.67
N SER A 202 14.63 15.00 4.20
CA SER A 202 14.99 13.92 3.30
C SER A 202 14.72 14.36 1.87
N ASN A 203 14.81 13.42 0.93
CA ASN A 203 14.44 13.69 -0.45
C ASN A 203 12.98 13.37 -0.74
N ALA A 204 12.26 12.80 0.22
CA ALA A 204 10.82 12.58 0.10
C ALA A 204 10.26 12.32 1.48
N TYR A 205 8.95 12.50 1.60
CA TYR A 205 8.27 12.17 2.85
C TYR A 205 8.18 10.66 3.02
N SER A 206 8.37 10.19 4.25
CA SER A 206 8.31 8.77 4.57
C SER A 206 7.00 8.48 5.28
N HIS A 207 6.09 7.77 4.61
CA HIS A 207 4.85 7.37 5.27
C HIS A 207 5.08 6.23 6.25
N PHE A 208 6.11 5.42 6.01
CA PHE A 208 6.47 4.31 6.88
C PHE A 208 7.96 4.36 7.13
N TYR A 209 8.36 3.97 8.35
CA TYR A 209 9.77 3.96 8.75
C TYR A 209 9.98 2.72 9.61
N ASP A 210 10.79 1.78 9.09
CA ASP A 210 11.02 0.50 9.76
C ASP A 210 12.37 0.59 10.48
N GLY A 211 12.34 1.16 11.67
CA GLY A 211 13.57 1.31 12.42
C GLY A 211 13.35 2.06 13.72
N PHE A 212 14.46 2.42 14.35
CA PHE A 212 14.50 3.15 15.61
C PHE A 212 15.34 4.41 15.44
N SER A 213 15.41 5.21 16.50
CA SER A 213 16.25 6.41 16.50
C SER A 213 17.52 6.23 17.30
N LYS A 214 17.59 5.21 18.17
CA LYS A 214 18.78 4.89 18.93
C LYS A 214 19.14 3.44 18.72
N VAL A 215 20.43 3.13 18.87
CA VAL A 215 20.93 1.76 18.91
C VAL A 215 21.40 1.49 20.33
N PRO A 216 20.79 0.56 21.06
CA PRO A 216 21.26 0.28 22.42
C PRO A 216 22.66 -0.32 22.40
N LEU A 217 23.42 -0.03 23.44
CA LEU A 217 24.81 -0.45 23.56
C LEU A 217 24.98 -1.28 24.83
N LYS A 218 25.84 -2.31 24.74
CA LYS A 218 26.02 -3.22 25.87
C LYS A 218 26.60 -2.49 27.07
N ASP A 219 27.56 -1.60 26.86
CA ASP A 219 28.17 -0.88 27.98
C ASP A 219 27.16 0.01 28.68
N GLN A 220 26.31 0.68 27.91
CA GLN A 220 25.36 1.63 28.49
C GLN A 220 24.21 0.89 29.17
N SER A 221 23.44 1.63 29.95
CA SER A 221 22.30 1.07 30.66
C SER A 221 21.16 0.76 29.69
N ALA A 222 20.23 -0.07 30.15
CA ALA A 222 19.13 -0.48 29.30
C ALA A 222 18.24 0.71 28.93
N ALA A 223 17.98 1.60 29.89
CA ALA A 223 17.07 2.70 29.66
C ALA A 223 17.66 3.78 28.75
N LEU A 224 18.99 3.86 28.65
CA LEU A 224 19.61 4.92 27.87
C LEU A 224 19.54 4.67 26.37
N GLY A 225 19.31 3.44 25.94
CA GLY A 225 19.18 3.12 24.54
C GLY A 225 17.76 2.92 24.06
N ASP A 226 16.78 2.97 24.95
CA ASP A 226 15.41 2.67 24.57
C ASP A 226 14.82 3.78 23.70
N SER A 227 13.97 3.38 22.76
CA SER A 227 13.25 4.31 21.89
C SER A 227 12.04 3.60 21.33
N LEU A 228 11.14 4.37 20.74
CA LEU A 228 9.90 3.83 20.18
C LEU A 228 10.14 3.31 18.77
N TYR A 229 9.36 2.30 18.39
CA TYR A 229 9.51 1.65 17.11
C TYR A 229 8.79 2.44 16.02
N GLY A 230 9.52 2.76 14.95
CA GLY A 230 8.94 3.50 13.84
C GLY A 230 8.90 5.00 14.01
N ALA A 231 9.49 5.53 15.07
CA ALA A 231 9.49 6.97 15.32
C ALA A 231 10.85 7.56 14.96
N ALA A 232 10.83 8.64 14.19
CA ALA A 232 12.05 9.34 13.80
C ALA A 232 11.76 10.83 13.72
N SER A 233 12.82 11.63 13.82
CA SER A 233 12.68 13.07 13.73
C SER A 233 12.43 13.55 12.31
N LEU A 234 12.32 12.64 11.34
CA LEU A 234 11.93 13.03 10.00
C LEU A 234 10.53 13.64 9.96
N ASN A 235 9.72 13.38 10.98
CA ASN A 235 8.31 13.79 11.00
C ASN A 235 8.03 14.76 12.14
N ASP A 236 8.96 15.69 12.37
CA ASP A 236 8.78 16.76 13.34
C ASP A 236 8.74 18.08 12.57
N PHE A 237 7.57 18.73 12.59
CA PHE A 237 7.35 19.93 11.79
C PHE A 237 6.94 21.15 12.60
N GLY A 238 6.93 21.06 13.91
CA GLY A 238 6.52 22.17 14.76
C GLY A 238 5.06 22.06 15.18
N ILE A 239 4.52 23.18 15.63
CA ILE A 239 3.14 23.25 16.10
C ILE A 239 2.49 24.52 15.57
N LEU A 240 1.16 24.53 15.62
CA LEU A 240 0.34 25.71 15.38
C LEU A 240 -0.29 26.13 16.71
N ALA A 241 -0.15 27.40 17.04
CA ALA A 241 -0.73 27.98 18.25
C ALA A 241 -1.78 29.01 17.83
N VAL A 242 -2.96 28.93 18.44
CA VAL A 242 -4.08 29.79 18.08
C VAL A 242 -4.59 30.48 19.34
N ARG A 243 -4.79 31.79 19.26
CA ARG A 243 -5.36 32.54 20.37
C ARG A 243 -6.36 33.57 19.87
N VAL A 244 -7.25 33.98 20.77
CA VAL A 244 -8.10 35.15 20.56
C VAL A 244 -7.32 36.38 21.03
N VAL A 245 -7.20 37.38 20.15
CA VAL A 245 -6.41 38.55 20.46
C VAL A 245 -7.18 39.56 21.31
N ASN A 246 -8.51 39.50 21.32
CA ASN A 246 -9.30 40.43 22.10
C ASN A 246 -9.16 40.14 23.60
N ASP A 247 -9.47 41.14 24.41
CA ASP A 247 -9.55 40.96 25.85
C ASP A 247 -10.93 40.43 26.23
N PRO A 248 -11.04 39.70 27.33
CA PRO A 248 -12.32 39.05 27.67
C PRO A 248 -13.45 40.05 27.86
N ASN A 249 -14.63 39.66 27.37
CA ASN A 249 -15.87 40.39 27.61
C ASN A 249 -16.55 39.84 28.86
N PRO A 250 -17.64 40.49 29.30
CA PRO A 250 -18.40 39.91 30.42
C PRO A 250 -19.01 38.55 30.14
N THR A 251 -19.17 38.18 28.87
CA THR A 251 -19.73 36.90 28.49
C THR A 251 -18.68 36.05 27.78
N LYS A 252 -18.82 34.74 27.91
CA LYS A 252 -17.88 33.80 27.32
C LYS A 252 -18.25 33.50 25.88
N VAL A 253 -17.23 33.39 25.02
CA VAL A 253 -17.43 33.04 23.62
C VAL A 253 -16.50 31.89 23.27
N THR A 254 -17.05 30.82 22.72
CA THR A 254 -16.29 29.62 22.38
C THR A 254 -16.17 29.50 20.87
N SER A 255 -14.96 29.27 20.37
CA SER A 255 -14.69 29.21 18.95
C SER A 255 -13.97 27.91 18.60
N LYS A 256 -14.27 27.40 17.41
CA LYS A 256 -13.62 26.21 16.86
C LYS A 256 -13.09 26.53 15.48
N ILE A 257 -11.89 26.02 15.20
CA ILE A 257 -11.19 26.24 13.94
C ILE A 257 -10.94 24.89 13.29
N ARG A 258 -11.44 24.72 12.07
CA ARG A 258 -11.23 23.50 11.29
C ARG A 258 -10.14 23.76 10.26
N VAL A 259 -9.18 22.84 10.18
CA VAL A 259 -8.03 22.98 9.28
C VAL A 259 -8.21 21.99 8.13
N TYR A 260 -8.04 22.47 6.90
CA TYR A 260 -8.23 21.67 5.70
C TYR A 260 -6.95 21.69 4.88
N LEU A 261 -6.47 20.51 4.50
CA LEU A 261 -5.18 20.32 3.87
C LEU A 261 -5.38 19.82 2.44
N LYS A 262 -4.78 20.51 1.47
CA LYS A 262 -4.79 20.06 0.08
C LYS A 262 -3.36 19.88 -0.39
N PRO A 263 -2.94 18.68 -0.80
CA PRO A 263 -1.62 18.53 -1.42
C PRO A 263 -1.67 18.75 -2.92
N LYS A 264 -0.67 19.50 -3.42
CA LYS A 264 -0.59 19.83 -4.82
C LYS A 264 0.84 19.62 -5.32
N HIS A 265 0.95 19.36 -6.63
CA HIS A 265 2.24 19.06 -7.26
C HIS A 265 2.84 17.79 -6.65
N ILE A 266 2.01 16.77 -6.51
CA ILE A 266 2.33 15.60 -5.70
C ILE A 266 2.92 14.50 -6.57
N ARG A 267 3.92 13.81 -6.02
CA ARG A 267 4.55 12.64 -6.63
C ARG A 267 4.65 11.55 -5.57
N VAL A 268 4.47 10.29 -5.99
CA VAL A 268 4.40 9.17 -5.06
C VAL A 268 5.28 8.03 -5.56
N TRP A 269 5.66 7.15 -4.62
CA TRP A 269 6.51 6.00 -4.90
C TRP A 269 6.10 4.82 -4.02
N CYS A 270 6.29 3.61 -4.60
CA CYS A 270 6.17 2.30 -3.96
C CYS A 270 4.77 2.00 -3.42
N PRO A 271 3.82 1.68 -4.30
CA PRO A 271 2.44 1.44 -3.85
C PRO A 271 2.32 0.27 -2.89
N ARG A 272 1.35 0.38 -1.99
CA ARG A 272 1.09 -0.59 -0.95
C ARG A 272 -0.39 -0.94 -0.92
N PRO A 273 -0.75 -2.08 -0.33
CA PRO A 273 -2.18 -2.38 -0.15
C PRO A 273 -2.80 -1.41 0.83
N PRO A 274 -4.07 -1.06 0.66
CA PRO A 274 -4.71 -0.12 1.58
C PRO A 274 -5.11 -0.78 2.90
N ARG A 275 -5.34 0.07 3.89
CA ARG A 275 -5.75 -0.38 5.21
C ARG A 275 -7.08 -1.11 5.12
N ALA A 276 -7.19 -2.24 5.81
CA ALA A 276 -8.40 -3.05 5.81
C ALA A 276 -9.12 -3.09 7.16
N VAL A 277 -8.43 -2.78 8.25
CA VAL A 277 -9.03 -2.77 9.58
C VAL A 277 -8.88 -1.37 10.17
N ALA A 278 -9.58 -1.14 11.28
CA ALA A 278 -9.57 0.19 11.89
C ALA A 278 -8.18 0.57 12.35
N TYR A 279 -7.84 1.83 12.17
CA TYR A 279 -6.58 2.37 12.67
C TYR A 279 -6.57 2.37 14.20
N TYR A 280 -5.38 2.16 14.76
CA TYR A 280 -5.18 2.11 16.21
C TYR A 280 -3.86 2.80 16.52
N GLY A 281 -3.93 4.09 16.84
CA GLY A 281 -2.74 4.87 17.12
C GLY A 281 -2.08 5.37 15.85
N PRO A 282 -0.86 5.90 15.97
CA PRO A 282 -0.13 6.39 14.80
C PRO A 282 0.72 5.35 14.08
N GLY A 283 0.64 4.08 14.46
CA GLY A 283 1.41 3.03 13.84
C GLY A 283 0.54 2.07 13.05
N VAL A 284 1.10 0.90 12.77
CA VAL A 284 0.42 -0.12 11.96
C VAL A 284 -0.25 -1.13 12.89
N ASP A 285 -0.42 -0.76 14.15
CA ASP A 285 -1.00 -1.66 15.14
C ASP A 285 -2.51 -1.75 14.95
N TYR A 286 -3.05 -2.92 15.32
CA TYR A 286 -4.49 -3.16 15.26
C TYR A 286 -4.98 -3.67 16.60
N LYS A 287 -6.27 -3.48 16.83
CA LYS A 287 -6.90 -3.73 18.12
C LYS A 287 -7.76 -5.00 18.03
N ASP A 288 -7.74 -5.79 19.10
CA ASP A 288 -8.52 -7.01 19.14
C ASP A 288 -10.01 -6.69 19.05
N GLY A 289 -10.74 -7.53 18.31
CA GLY A 289 -12.16 -7.33 18.10
C GLY A 289 -12.50 -6.53 16.87
N THR A 290 -11.52 -6.21 16.02
CA THR A 290 -11.76 -5.42 14.81
C THR A 290 -11.17 -6.09 13.58
N LEU A 291 -10.84 -7.38 13.67
CA LEU A 291 -10.06 -8.08 12.63
C LEU A 291 -10.92 -8.98 11.76
N THR A 292 -12.16 -8.59 11.48
CA THR A 292 -13.08 -9.38 10.66
C THR A 292 -13.73 -8.48 9.62
N PRO A 293 -12.96 -8.05 8.61
CA PRO A 293 -13.49 -7.09 7.62
C PRO A 293 -14.45 -7.69 6.59
N LEU A 294 -14.52 -9.01 6.43
CA LEU A 294 -15.27 -9.63 5.35
C LEU A 294 -16.56 -10.23 5.86
N SER A 295 -17.59 -10.18 5.01
CA SER A 295 -18.91 -10.69 5.33
C SER A 295 -19.11 -12.08 4.72
N THR A 296 -20.28 -12.66 4.95
CA THR A 296 -20.58 -14.03 4.54
C THR A 296 -21.12 -14.06 3.12
N LYS A 297 -20.77 -15.12 2.40
CA LYS A 297 -21.26 -15.35 1.05
C LYS A 297 -21.00 -16.79 0.63
N ASP A 298 -22.04 -17.48 0.18
CA ASP A 298 -21.89 -18.89 -0.19
C ASP A 298 -21.05 -19.03 -1.46
N LEU A 299 -20.39 -20.19 -1.56
CA LEU A 299 -19.45 -20.41 -2.67
C LEU A 299 -20.14 -20.43 -4.02
N THR A 300 -21.29 -21.08 -4.11
CA THR A 300 -22.01 -21.26 -5.37
C THR A 300 -23.30 -20.44 -5.40
N THR A 301 -23.26 -19.22 -4.87
CA THR A 301 -24.39 -18.31 -4.88
C THR A 301 -24.00 -17.02 -5.58
N TYR A 302 -24.83 -16.57 -6.51
CA TYR A 302 -24.57 -15.33 -7.23
C TYR A 302 -24.88 -14.11 -6.38
N GLY B 2 2.87 39.38 -19.32
CA GLY B 2 3.32 37.99 -19.28
C GLY B 2 2.23 37.04 -18.83
N ALA B 3 1.46 36.53 -19.78
CA ALA B 3 0.36 35.62 -19.49
C ALA B 3 0.52 34.34 -20.30
N GLN B 4 0.05 33.24 -19.73
CA GLN B 4 0.13 31.92 -20.34
C GLN B 4 -1.24 31.53 -20.88
N VAL B 5 -1.30 31.18 -22.16
CA VAL B 5 -2.54 30.81 -22.84
C VAL B 5 -2.52 29.31 -23.07
N SER B 6 -3.58 28.63 -22.63
CA SER B 6 -3.71 27.19 -22.78
C SER B 6 -5.08 26.87 -23.37
N SER B 7 -5.38 25.59 -23.48
CA SER B 7 -6.62 25.11 -24.07
C SER B 7 -7.46 24.39 -23.02
N GLN B 8 -8.77 24.43 -23.23
CA GLN B 8 -9.71 23.75 -22.34
C GLN B 8 -10.67 22.87 -23.14
N ASN B 26 -9.84 28.26 -25.32
CA ASN B 26 -8.59 28.64 -24.65
C ASN B 26 -8.88 29.40 -23.36
N TYR B 27 -7.87 29.50 -22.49
CA TYR B 27 -7.98 30.29 -21.27
C TYR B 27 -6.60 30.84 -20.93
N THR B 28 -6.58 31.83 -20.04
CA THR B 28 -5.38 32.55 -19.70
C THR B 28 -5.11 32.46 -18.20
N THR B 29 -3.83 32.29 -17.85
CA THR B 29 -3.38 32.20 -16.47
C THR B 29 -2.17 33.10 -16.27
N ILE B 30 -2.06 33.65 -15.07
CA ILE B 30 -0.93 34.50 -14.70
C ILE B 30 -0.47 34.11 -13.30
N ASN B 31 0.84 34.04 -13.12
CA ASN B 31 1.43 33.78 -11.80
C ASN B 31 1.71 35.11 -11.10
N TYR B 32 1.20 35.25 -9.88
CA TYR B 32 1.31 36.49 -9.13
C TYR B 32 2.48 36.53 -8.17
N TYR B 33 2.93 35.38 -7.69
CA TYR B 33 3.91 35.31 -6.62
C TYR B 33 5.23 34.74 -7.13
N ARG B 34 6.28 34.97 -6.36
CA ARG B 34 7.64 34.54 -6.72
C ARG B 34 7.93 33.10 -6.33
N ASP B 35 7.06 32.45 -5.56
CA ASP B 35 7.25 31.08 -5.12
C ASP B 35 6.33 30.16 -5.90
N SER B 36 6.88 29.08 -6.44
CA SER B 36 6.08 28.14 -7.21
C SER B 36 5.04 27.42 -6.35
N ALA B 37 5.27 27.34 -5.03
CA ALA B 37 4.26 26.75 -4.15
C ALA B 37 2.94 27.50 -4.24
N SER B 38 2.99 28.81 -4.45
CA SER B 38 1.78 29.62 -4.54
C SER B 38 0.98 29.35 -5.79
N ASN B 39 1.59 28.77 -6.82
CA ASN B 39 0.90 28.53 -8.08
C ASN B 39 -0.21 27.51 -7.91
N ALA B 40 -1.33 27.75 -8.59
CA ALA B 40 -2.42 26.80 -8.61
C ALA B 40 -2.07 25.63 -9.51
N ALA B 41 -2.25 24.41 -9.01
CA ALA B 41 -1.89 23.21 -9.75
C ALA B 41 -2.73 23.08 -11.02
N SER B 79 14.79 -22.96 -21.46
CA SER B 79 15.53 -21.70 -21.38
C SER B 79 15.26 -21.00 -20.05
N ASP B 80 13.99 -20.67 -19.80
CA ASP B 80 13.61 -20.04 -18.53
C ASP B 80 13.82 -20.96 -17.34
N ARG B 81 13.84 -22.28 -17.56
CA ARG B 81 14.02 -23.22 -16.46
C ARG B 81 15.45 -23.25 -15.95
N VAL B 82 16.41 -22.77 -16.74
CA VAL B 82 17.84 -22.92 -16.48
C VAL B 82 18.39 -21.58 -16.02
N LEU B 83 19.20 -21.60 -14.97
CA LEU B 83 19.76 -20.36 -14.44
C LEU B 83 21.09 -20.64 -13.76
N GLN B 84 22.02 -19.68 -13.88
CA GLN B 84 23.30 -19.73 -13.17
C GLN B 84 23.69 -18.34 -12.73
N LEU B 85 24.09 -18.22 -11.47
CA LEU B 85 24.50 -16.95 -10.87
C LEU B 85 25.91 -17.10 -10.29
N THR B 86 26.73 -16.07 -10.48
CA THR B 86 28.11 -16.09 -9.99
C THR B 86 28.41 -14.75 -9.33
N LEU B 87 28.76 -14.78 -8.04
CA LEU B 87 29.16 -13.60 -7.30
C LEU B 87 30.39 -13.93 -6.47
N GLY B 88 31.47 -13.19 -6.68
CA GLY B 88 32.68 -13.44 -5.93
C GLY B 88 33.17 -14.87 -6.17
N ASN B 89 33.34 -15.62 -5.10
CA ASN B 89 33.76 -17.01 -5.16
C ASN B 89 32.60 -17.98 -4.98
N SER B 90 31.37 -17.54 -5.24
CA SER B 90 30.19 -18.35 -5.03
C SER B 90 29.38 -18.46 -6.31
N THR B 91 28.77 -19.62 -6.52
CA THR B 91 27.96 -19.89 -7.70
C THR B 91 26.69 -20.62 -7.29
N ILE B 92 25.64 -20.43 -8.09
CA ILE B 92 24.37 -21.12 -7.92
C ILE B 92 23.90 -21.60 -9.28
N THR B 93 23.36 -22.82 -9.32
CA THR B 93 22.74 -23.37 -10.52
C THR B 93 21.30 -23.77 -10.20
N ALA B 94 20.44 -23.70 -11.22
CA ALA B 94 19.05 -24.08 -11.06
C ALA B 94 18.53 -24.63 -12.39
N GLN B 95 17.77 -25.73 -12.31
CA GLN B 95 17.25 -26.41 -13.48
C GLN B 95 15.73 -26.32 -13.60
N GLU B 96 15.03 -25.94 -12.54
CA GLU B 96 13.57 -25.73 -12.57
C GLU B 96 13.29 -24.36 -11.97
N ALA B 97 13.39 -23.32 -12.80
CA ALA B 97 13.12 -21.96 -12.39
C ALA B 97 11.95 -21.39 -13.19
N ALA B 98 11.34 -20.36 -12.63
CA ALA B 98 10.26 -19.62 -13.28
C ALA B 98 10.74 -18.25 -13.73
N ASN B 99 11.98 -18.19 -14.24
CA ASN B 99 12.63 -16.94 -14.58
C ASN B 99 13.03 -16.23 -13.29
N SER B 100 13.21 -14.91 -13.34
CA SER B 100 13.57 -14.15 -12.17
C SER B 100 12.91 -12.78 -12.24
N VAL B 101 12.83 -12.11 -11.10
CA VAL B 101 12.14 -10.83 -10.96
C VAL B 101 13.14 -9.77 -10.56
N VAL B 102 13.14 -8.65 -11.28
CA VAL B 102 13.88 -7.45 -10.92
C VAL B 102 12.87 -6.45 -10.37
N ALA B 103 13.01 -6.11 -9.10
CA ALA B 103 12.02 -5.25 -8.45
C ALA B 103 11.98 -3.88 -9.11
N TYR B 104 10.79 -3.46 -9.53
CA TYR B 104 10.52 -2.16 -10.11
C TYR B 104 11.30 -1.93 -11.41
N GLY B 105 11.89 -2.97 -11.99
CA GLY B 105 12.64 -2.82 -13.22
C GLY B 105 13.94 -2.06 -13.08
N ARG B 106 14.53 -2.05 -11.89
CA ARG B 106 15.73 -1.28 -11.61
C ARG B 106 16.81 -2.20 -11.06
N TRP B 107 17.98 -2.16 -11.68
CA TRP B 107 19.11 -2.95 -11.23
C TRP B 107 19.90 -2.20 -10.17
N PRO B 108 20.50 -2.88 -9.19
CA PRO B 108 21.34 -2.18 -8.21
C PRO B 108 22.50 -1.44 -8.87
N GLU B 109 22.89 -0.32 -8.25
CA GLU B 109 23.95 0.52 -8.78
C GLU B 109 24.61 1.27 -7.64
N TYR B 110 25.77 1.86 -7.94
CA TYR B 110 26.49 2.67 -6.98
C TYR B 110 25.94 4.09 -6.95
N LEU B 111 26.26 4.80 -5.86
CA LEU B 111 25.77 6.15 -5.67
C LEU B 111 26.53 7.13 -6.55
N ARG B 112 25.80 7.98 -7.27
CA ARG B 112 26.37 8.93 -8.21
C ARG B 112 26.76 10.24 -7.52
N ASP B 113 27.68 10.97 -8.16
CA ASP B 113 28.18 12.21 -7.59
C ASP B 113 27.08 13.24 -7.43
N SER B 114 26.12 13.28 -8.35
CA SER B 114 25.04 14.24 -8.31
C SER B 114 23.96 13.87 -7.30
N GLU B 115 24.18 12.87 -6.46
CA GLU B 115 23.21 12.50 -5.43
C GLU B 115 23.87 12.11 -4.11
N ALA B 116 25.12 12.49 -3.89
CA ALA B 116 25.89 12.04 -2.73
C ALA B 116 25.83 13.10 -1.63
N ASN B 117 25.34 12.71 -0.45
CA ASN B 117 25.29 13.63 0.67
C ASN B 117 26.64 13.75 1.39
N PRO B 118 27.25 12.67 1.86
CA PRO B 118 28.52 12.79 2.59
C PRO B 118 29.67 13.11 1.66
N VAL B 119 30.72 13.73 2.24
CA VAL B 119 31.80 14.31 1.45
C VAL B 119 33.08 13.47 1.47
N ASP B 120 33.22 12.53 2.39
CA ASP B 120 34.45 11.74 2.48
C ASP B 120 34.40 10.55 1.54
N GLN B 121 35.57 9.93 1.36
CA GLN B 121 35.73 8.84 0.40
C GLN B 121 35.05 7.57 0.89
N PRO B 122 34.11 6.99 0.14
CA PRO B 122 33.44 5.77 0.58
C PRO B 122 34.32 4.53 0.42
N THR B 123 33.89 3.45 1.08
CA THR B 123 34.55 2.16 1.02
C THR B 123 33.68 1.20 0.21
N GLU B 124 34.31 0.47 -0.71
CA GLU B 124 33.61 -0.50 -1.56
C GLU B 124 34.32 -1.84 -1.48
N PRO B 125 33.94 -2.69 -0.52
CA PRO B 125 34.62 -3.99 -0.39
C PRO B 125 34.54 -4.86 -1.62
N GLU B 126 33.40 -4.86 -2.32
CA GLU B 126 33.21 -5.66 -3.53
C GLU B 126 33.24 -7.16 -3.22
N VAL B 127 34.15 -7.91 -3.84
CA VAL B 127 34.10 -9.36 -3.76
C VAL B 127 34.18 -9.86 -2.33
N ALA B 128 34.85 -9.10 -1.46
CA ALA B 128 34.96 -9.51 -0.06
C ALA B 128 33.61 -9.56 0.64
N ALA B 129 32.63 -8.79 0.18
CA ALA B 129 31.31 -8.74 0.79
C ALA B 129 30.15 -9.00 -0.16
N CYS B 130 30.33 -8.79 -1.46
CA CYS B 130 29.28 -9.06 -2.44
C CYS B 130 29.37 -10.52 -2.85
N ARG B 131 28.71 -11.38 -2.07
CA ARG B 131 28.78 -12.82 -2.28
C ARG B 131 27.56 -13.45 -1.62
N PHE B 132 27.31 -14.71 -1.98
CA PHE B 132 26.14 -15.41 -1.48
C PHE B 132 26.39 -15.99 -0.10
N TYR B 133 25.50 -15.67 0.85
CA TYR B 133 25.51 -16.23 2.19
C TYR B 133 24.23 -17.04 2.37
N THR B 134 24.37 -18.24 2.91
CA THR B 134 23.25 -19.13 3.16
C THR B 134 22.83 -19.02 4.62
N LEU B 135 21.56 -18.71 4.84
CA LEU B 135 21.03 -18.62 6.19
C LEU B 135 20.63 -20.03 6.65
N ASP B 136 19.92 -20.12 7.77
CA ASP B 136 19.45 -21.40 8.25
C ASP B 136 18.34 -21.94 7.35
N THR B 137 17.99 -23.20 7.57
CA THR B 137 16.97 -23.90 6.79
C THR B 137 15.75 -24.13 7.68
N VAL B 138 14.57 -23.77 7.17
CA VAL B 138 13.33 -23.94 7.92
C VAL B 138 12.62 -25.19 7.41
N SER B 139 11.67 -25.68 8.20
CA SER B 139 10.92 -26.89 7.89
C SER B 139 9.47 -26.52 7.60
N TRP B 140 8.99 -26.89 6.42
CA TRP B 140 7.63 -26.65 5.98
C TRP B 140 6.80 -27.90 6.25
N THR B 141 5.78 -27.76 7.07
CA THR B 141 4.85 -28.85 7.41
C THR B 141 3.43 -28.39 7.13
N LYS B 142 2.44 -29.16 7.57
CA LYS B 142 1.05 -28.79 7.34
C LYS B 142 0.52 -27.78 8.35
N GLU B 143 1.28 -27.45 9.40
CA GLU B 143 0.86 -26.49 10.40
C GLU B 143 1.58 -25.15 10.26
N SER B 144 2.37 -24.98 9.22
CA SER B 144 3.17 -23.76 9.06
C SER B 144 2.31 -22.60 8.60
N ARG B 145 2.61 -21.40 9.10
CA ARG B 145 1.90 -20.19 8.72
C ARG B 145 2.75 -19.20 7.93
N GLY B 146 4.08 -19.31 7.99
CA GLY B 146 4.96 -18.44 7.23
C GLY B 146 6.09 -17.91 8.08
N TRP B 147 7.06 -17.31 7.39
CA TRP B 147 8.29 -16.81 8.00
C TRP B 147 8.62 -15.45 7.44
N TRP B 148 9.36 -14.65 8.22
CA TRP B 148 9.80 -13.35 7.74
C TRP B 148 11.24 -13.06 8.18
N TRP B 149 11.89 -12.20 7.39
CA TRP B 149 13.26 -11.74 7.64
C TRP B 149 13.36 -10.27 7.29
N LYS B 150 14.32 -9.59 7.90
CA LYS B 150 14.61 -8.19 7.63
C LYS B 150 15.99 -8.05 7.02
N LEU B 151 16.11 -7.13 6.06
CA LEU B 151 17.38 -6.83 5.40
C LEU B 151 17.69 -5.34 5.57
N PRO B 152 18.91 -4.97 5.99
CA PRO B 152 20.12 -5.81 6.17
C PRO B 152 20.28 -6.50 7.53
N ASP B 153 19.20 -6.75 8.28
CA ASP B 153 19.36 -7.30 9.62
C ASP B 153 19.83 -8.76 9.61
N ALA B 154 19.46 -9.52 8.58
CA ALA B 154 19.75 -10.95 8.56
C ALA B 154 21.20 -11.25 8.20
N LEU B 155 21.96 -10.27 7.70
CA LEU B 155 23.35 -10.46 7.32
C LEU B 155 24.31 -9.77 8.29
N ARG B 156 23.88 -9.52 9.53
CA ARG B 156 24.71 -8.77 10.46
C ARG B 156 25.86 -9.58 11.04
N ASP B 157 25.92 -10.88 10.77
CA ASP B 157 27.01 -11.74 11.25
C ASP B 157 27.56 -12.59 10.12
N MET B 158 27.76 -11.99 8.96
CA MET B 158 28.10 -12.71 7.73
C MET B 158 29.44 -12.20 7.21
N GLY B 159 30.52 -12.82 7.65
CA GLY B 159 31.84 -12.52 7.11
C GLY B 159 32.21 -11.06 7.28
N LEU B 160 32.84 -10.51 6.23
CA LEU B 160 33.28 -9.12 6.27
C LEU B 160 32.15 -8.13 6.05
N PHE B 161 31.00 -8.58 5.54
CA PHE B 161 29.87 -7.67 5.38
C PHE B 161 29.43 -7.14 6.73
N GLY B 162 29.31 -8.02 7.73
CA GLY B 162 28.92 -7.58 9.05
C GLY B 162 29.96 -6.68 9.70
N GLN B 163 31.24 -6.99 9.49
CA GLN B 163 32.30 -6.14 10.04
C GLN B 163 32.23 -4.73 9.46
N ASN B 164 32.12 -4.63 8.14
CA ASN B 164 31.98 -3.31 7.52
C ASN B 164 30.71 -2.61 7.99
N MET B 165 29.63 -3.37 8.17
CA MET B 165 28.38 -2.79 8.63
C MET B 165 28.53 -2.18 10.01
N TYR B 166 29.22 -2.86 10.92
CA TYR B 166 29.33 -2.39 12.29
C TYR B 166 30.50 -1.44 12.52
N TYR B 167 31.40 -1.27 11.54
CA TYR B 167 32.51 -0.35 11.71
C TYR B 167 32.21 1.04 11.16
N HIS B 168 31.27 1.18 10.24
CA HIS B 168 30.93 2.45 9.63
C HIS B 168 29.62 2.98 10.18
N TYR B 169 29.34 4.24 9.84
CA TYR B 169 28.15 4.93 10.30
C TYR B 169 27.05 4.99 9.24
N LEU B 170 27.42 4.97 7.96
CA LEU B 170 26.45 4.96 6.87
C LEU B 170 26.77 3.82 5.91
N GLY B 171 25.73 3.26 5.30
CA GLY B 171 25.92 2.20 4.33
C GLY B 171 24.71 2.03 3.45
N ARG B 172 24.94 1.49 2.25
CA ARG B 172 23.83 1.17 1.34
C ARG B 172 24.21 -0.02 0.47
N SER B 173 23.18 -0.72 -0.02
CA SER B 173 23.39 -1.96 -0.76
C SER B 173 22.07 -2.45 -1.34
N GLY B 174 22.16 -3.17 -2.47
CA GLY B 174 21.07 -3.97 -2.98
C GLY B 174 21.27 -5.44 -2.65
N TYR B 175 20.35 -6.27 -3.12
CA TYR B 175 20.37 -7.69 -2.76
C TYR B 175 19.92 -8.57 -3.91
N THR B 176 20.38 -9.82 -3.86
CA THR B 176 19.82 -10.91 -4.65
C THR B 176 19.39 -11.99 -3.69
N VAL B 177 18.12 -12.39 -3.75
CA VAL B 177 17.53 -13.36 -2.85
C VAL B 177 17.14 -14.60 -3.65
N HIS B 178 17.54 -15.77 -3.16
CA HIS B 178 17.30 -17.04 -3.83
C HIS B 178 16.69 -17.99 -2.81
N VAL B 179 15.45 -18.39 -3.05
CA VAL B 179 14.73 -19.32 -2.17
C VAL B 179 14.69 -20.67 -2.85
N GLN B 180 15.04 -21.72 -2.11
CA GLN B 180 15.16 -23.07 -2.63
C GLN B 180 14.25 -24.01 -1.85
N CYS B 181 13.45 -24.78 -2.60
CA CYS B 181 12.52 -25.75 -2.03
C CYS B 181 12.19 -26.76 -3.11
N ASN B 182 12.54 -28.02 -2.91
CA ASN B 182 12.28 -29.08 -3.88
C ASN B 182 11.50 -30.22 -3.23
N ALA B 183 10.70 -30.90 -4.05
CA ALA B 183 9.89 -32.03 -3.60
C ALA B 183 9.79 -33.01 -4.77
N SER B 184 8.84 -33.93 -4.69
CA SER B 184 8.63 -34.94 -5.71
C SER B 184 7.42 -34.60 -6.57
N LYS B 185 7.22 -35.39 -7.63
CA LYS B 185 6.08 -35.20 -8.51
C LYS B 185 4.77 -35.66 -7.88
N PHE B 186 4.80 -36.16 -6.64
CA PHE B 186 3.60 -36.57 -5.92
C PHE B 186 3.32 -35.67 -4.73
N HIS B 187 4.00 -34.53 -4.62
CA HIS B 187 3.72 -33.51 -3.63
C HIS B 187 2.92 -32.38 -4.28
N GLN B 188 2.14 -31.68 -3.45
CA GLN B 188 1.38 -30.52 -3.90
C GLN B 188 1.49 -29.41 -2.87
N GLY B 189 1.50 -28.18 -3.35
CA GLY B 189 1.59 -27.02 -2.50
C GLY B 189 2.08 -25.82 -3.26
N ALA B 190 1.99 -24.66 -2.62
CA ALA B 190 2.41 -23.41 -3.24
C ALA B 190 2.86 -22.43 -2.16
N LEU B 191 3.94 -21.71 -2.45
CA LEU B 191 4.48 -20.69 -1.57
C LEU B 191 4.50 -19.35 -2.27
N GLY B 192 4.15 -18.30 -1.54
CA GLY B 192 4.28 -16.94 -2.01
C GLY B 192 5.42 -16.24 -1.29
N VAL B 193 6.34 -15.70 -2.08
CA VAL B 193 7.50 -14.97 -1.58
C VAL B 193 7.33 -13.52 -1.97
N PHE B 194 7.33 -12.64 -0.98
CA PHE B 194 7.10 -11.20 -1.18
C PHE B 194 8.24 -10.41 -0.59
N ALA B 195 8.65 -9.36 -1.31
CA ALA B 195 9.63 -8.40 -0.83
C ALA B 195 8.92 -7.07 -0.60
N VAL B 196 8.95 -6.60 0.64
CA VAL B 196 8.19 -5.43 1.06
C VAL B 196 9.18 -4.33 1.46
N PRO B 197 9.11 -3.13 0.87
CA PRO B 197 9.91 -2.02 1.38
C PRO B 197 9.23 -1.38 2.59
N GLU B 198 10.00 -1.19 3.66
CA GLU B 198 9.48 -0.68 4.93
C GLU B 198 8.41 -1.61 5.50
N MET B 199 8.83 -2.84 5.78
CA MET B 199 7.92 -3.87 6.30
C MET B 199 7.77 -3.67 7.80
N CYS B 200 6.74 -2.94 8.20
CA CYS B 200 6.44 -2.66 9.59
C CYS B 200 5.37 -3.62 10.08
N LEU B 201 5.63 -4.24 11.23
CA LEU B 201 4.72 -5.22 11.82
C LEU B 201 4.06 -4.65 13.06
N ALA B 202 2.90 -5.22 13.40
CA ALA B 202 2.12 -4.76 14.54
C ALA B 202 2.56 -5.45 15.82
N GLY B 203 2.39 -4.75 16.93
CA GLY B 203 2.80 -5.25 18.23
C GLY B 203 1.77 -6.17 18.85
N ASP B 204 2.06 -6.60 20.07
CA ASP B 204 1.24 -7.55 20.80
C ASP B 204 0.51 -6.92 21.98
N SER B 205 0.42 -5.59 22.01
CA SER B 205 -0.15 -4.87 23.14
C SER B 205 -1.34 -4.03 22.69
N ASN B 206 -2.41 -4.05 23.49
CA ASN B 206 -3.59 -3.25 23.24
C ASN B 206 -3.71 -2.08 24.21
N THR B 207 -2.70 -1.86 25.06
CA THR B 207 -2.66 -0.70 25.93
C THR B 207 -1.61 0.33 25.51
N THR B 208 -0.65 -0.06 24.67
CA THR B 208 0.37 0.85 24.17
C THR B 208 0.62 0.52 22.70
N THR B 209 1.17 1.49 21.98
CA THR B 209 1.49 1.31 20.57
C THR B 209 2.96 1.65 20.33
N MET B 210 3.55 0.98 19.35
CA MET B 210 4.93 1.23 18.94
C MET B 210 5.91 0.96 20.08
N HIS B 211 5.63 -0.08 20.87
CA HIS B 211 6.39 -0.40 22.07
C HIS B 211 7.25 -1.64 21.90
N THR B 212 7.49 -2.08 20.66
CA THR B 212 8.34 -3.24 20.42
C THR B 212 9.80 -2.88 20.69
N SER B 213 10.48 -3.74 21.43
CA SER B 213 11.86 -3.48 21.80
C SER B 213 12.79 -3.71 20.60
N TYR B 214 13.98 -3.09 20.68
CA TYR B 214 14.94 -3.23 19.60
C TYR B 214 15.41 -4.67 19.44
N GLN B 215 15.41 -5.44 20.53
CA GLN B 215 15.91 -6.81 20.46
C GLN B 215 14.91 -7.73 19.77
N ASN B 216 13.62 -7.56 20.07
CA ASN B 216 12.59 -8.42 19.50
C ASN B 216 12.29 -8.11 18.04
N ALA B 217 12.60 -6.90 17.58
CA ALA B 217 12.37 -6.53 16.19
C ALA B 217 13.52 -6.90 15.28
N ASN B 218 14.66 -7.33 15.83
CA ASN B 218 15.84 -7.69 15.06
C ASN B 218 16.27 -9.09 15.49
N PRO B 219 15.62 -10.14 14.96
CA PRO B 219 15.97 -11.50 15.37
C PRO B 219 17.24 -12.02 14.72
N GLY B 220 17.56 -11.50 13.53
CA GLY B 220 18.76 -11.92 12.83
C GLY B 220 18.48 -12.89 11.72
N GLU B 221 19.39 -13.84 11.50
CA GLU B 221 19.23 -14.82 10.44
C GLU B 221 18.19 -15.89 10.76
N LYS B 222 17.75 -15.99 12.02
CA LYS B 222 16.71 -16.94 12.35
C LYS B 222 15.33 -16.44 11.93
N GLY B 223 15.09 -15.14 12.00
CA GLY B 223 13.84 -14.58 11.56
C GLY B 223 12.70 -14.84 12.53
N GLY B 224 11.49 -14.61 12.03
CA GLY B 224 10.28 -14.83 12.81
C GLY B 224 9.26 -15.61 12.00
N THR B 225 8.09 -15.78 12.61
CA THR B 225 6.99 -16.54 12.00
C THR B 225 5.69 -15.79 12.18
N PHE B 226 4.76 -16.04 11.25
CA PHE B 226 3.40 -15.52 11.37
C PHE B 226 2.55 -16.46 12.22
N THR B 227 1.44 -15.93 12.71
CA THR B 227 0.48 -16.71 13.49
C THR B 227 -0.91 -16.53 12.89
N GLY B 228 -1.78 -17.50 13.16
CA GLY B 228 -3.14 -17.45 12.66
C GLY B 228 -4.12 -16.67 13.51
N THR B 229 -3.75 -16.35 14.75
CA THR B 229 -4.62 -15.65 15.67
C THR B 229 -3.86 -14.52 16.34
N PHE B 230 -4.59 -13.51 16.78
CA PHE B 230 -4.02 -12.38 17.52
C PHE B 230 -4.24 -12.63 19.01
N THR B 231 -3.14 -12.66 19.77
CA THR B 231 -3.19 -12.86 21.21
C THR B 231 -2.62 -11.63 21.91
N PRO B 232 -3.44 -10.76 22.48
CA PRO B 232 -2.89 -9.58 23.16
C PRO B 232 -2.19 -9.96 24.46
N ASP B 233 -1.06 -9.31 24.72
CA ASP B 233 -0.31 -9.54 25.95
C ASP B 233 -0.88 -8.71 27.09
N ASN B 234 -1.06 -9.34 28.25
CA ASN B 234 -1.72 -8.72 29.39
C ASN B 234 -0.83 -8.56 30.61
N ASN B 235 0.47 -8.82 30.49
CA ASN B 235 1.39 -8.68 31.62
C ASN B 235 1.81 -7.22 31.70
N GLN B 236 1.18 -6.47 32.61
CA GLN B 236 1.52 -5.05 32.76
C GLN B 236 2.84 -4.88 33.49
N THR B 237 3.20 -5.82 34.36
CA THR B 237 4.44 -5.70 35.12
C THR B 237 5.65 -5.99 34.26
N SER B 238 5.57 -7.00 33.40
CA SER B 238 6.70 -7.45 32.58
C SER B 238 6.23 -7.60 31.13
N PRO B 239 5.97 -6.49 30.44
CA PRO B 239 5.51 -6.58 29.05
C PRO B 239 6.53 -7.28 28.17
N ALA B 240 6.02 -8.08 27.22
CA ALA B 240 6.91 -8.85 26.34
C ALA B 240 7.56 -7.96 25.29
N ARG B 241 6.81 -6.99 24.76
CA ARG B 241 7.32 -6.05 23.77
C ARG B 241 7.81 -6.76 22.51
N ARG B 242 6.91 -7.48 21.86
CA ARG B 242 7.24 -8.21 20.65
C ARG B 242 6.09 -8.15 19.67
N PHE B 243 6.40 -8.41 18.39
CA PHE B 243 5.41 -8.40 17.33
C PHE B 243 4.41 -9.55 17.51
N CYS B 244 3.22 -9.35 16.94
CA CYS B 244 2.21 -10.40 16.82
C CYS B 244 1.64 -10.36 15.41
N PRO B 245 2.41 -10.81 14.41
CA PRO B 245 1.96 -10.68 13.03
C PRO B 245 0.99 -11.79 12.64
N VAL B 246 -0.16 -11.40 12.11
CA VAL B 246 -1.21 -12.33 11.68
C VAL B 246 -1.08 -12.56 10.18
N ASP B 247 -1.23 -13.80 9.75
CA ASP B 247 -0.88 -14.17 8.38
C ASP B 247 -1.84 -13.55 7.37
N TYR B 248 -3.15 -13.67 7.59
CA TYR B 248 -4.09 -13.20 6.58
C TYR B 248 -4.20 -11.67 6.56
N LEU B 249 -3.64 -10.98 7.55
CA LEU B 249 -3.50 -9.53 7.51
C LEU B 249 -2.10 -9.10 7.11
N LEU B 250 -1.24 -10.04 6.72
CA LEU B 250 0.15 -9.76 6.36
C LEU B 250 0.93 -9.12 7.52
N GLY B 251 0.40 -9.19 8.74
CA GLY B 251 1.07 -8.66 9.90
C GLY B 251 1.01 -7.16 10.06
N ASN B 252 0.31 -6.44 9.17
CA ASN B 252 0.28 -4.98 9.25
C ASN B 252 -1.10 -4.40 8.96
N GLY B 253 -2.16 -5.19 9.08
CA GLY B 253 -3.50 -4.67 8.94
C GLY B 253 -4.04 -4.58 7.53
N THR B 254 -3.35 -5.15 6.55
CA THR B 254 -3.80 -5.15 5.16
C THR B 254 -4.01 -6.58 4.70
N LEU B 255 -4.99 -6.78 3.82
CA LEU B 255 -5.35 -8.12 3.38
C LEU B 255 -4.23 -8.78 2.59
N LEU B 256 -4.05 -10.08 2.82
CA LEU B 256 -2.98 -10.82 2.15
C LEU B 256 -3.19 -10.88 0.65
N GLY B 257 -4.45 -10.95 0.19
CA GLY B 257 -4.69 -11.11 -1.23
C GLY B 257 -4.12 -9.97 -2.06
N ASN B 258 -3.94 -8.81 -1.46
CA ASN B 258 -3.41 -7.66 -2.18
C ASN B 258 -1.89 -7.55 -2.11
N ALA B 259 -1.23 -8.42 -1.33
CA ALA B 259 0.22 -8.38 -1.21
C ALA B 259 0.93 -8.50 -2.54
N PHE B 260 0.23 -8.92 -3.60
CA PHE B 260 0.83 -9.00 -4.92
C PHE B 260 1.09 -7.63 -5.54
N VAL B 261 0.80 -6.54 -4.83
CA VAL B 261 1.27 -5.24 -5.29
C VAL B 261 2.79 -5.12 -5.11
N PHE B 262 3.35 -5.77 -4.10
CA PHE B 262 4.78 -5.77 -3.89
C PHE B 262 5.48 -6.72 -4.86
N PRO B 263 6.78 -6.55 -5.07
CA PRO B 263 7.53 -7.55 -5.83
C PRO B 263 7.43 -8.92 -5.18
N HIS B 264 7.30 -9.96 -6.00
CA HIS B 264 6.95 -11.27 -5.48
C HIS B 264 7.24 -12.34 -6.51
N GLN B 265 7.17 -13.59 -6.05
CA GLN B 265 7.13 -14.75 -6.91
C GLN B 265 6.38 -15.87 -6.20
N ILE B 266 6.02 -16.90 -6.96
CA ILE B 266 5.28 -18.05 -6.44
C ILE B 266 6.06 -19.31 -6.79
N ILE B 267 6.31 -20.15 -5.79
CA ILE B 267 6.88 -21.47 -5.98
C ILE B 267 5.72 -22.46 -5.94
N ASN B 268 5.40 -23.04 -7.09
CA ASN B 268 4.37 -24.07 -7.19
C ASN B 268 5.08 -25.41 -7.37
N LEU B 269 4.81 -26.35 -6.47
CA LEU B 269 5.62 -27.56 -6.40
C LEU B 269 5.57 -28.38 -7.68
N ARG B 270 4.52 -28.24 -8.49
CA ARG B 270 4.43 -28.97 -9.74
C ARG B 270 5.07 -28.23 -10.92
N THR B 271 5.53 -27.00 -10.72
CA THR B 271 6.11 -26.20 -11.80
C THR B 271 7.59 -25.92 -11.58
N ASN B 272 7.95 -25.32 -10.44
CA ASN B 272 9.32 -24.90 -10.20
C ASN B 272 9.69 -25.23 -8.76
N ASN B 273 10.99 -25.12 -8.46
CA ASN B 273 11.49 -25.42 -7.12
C ASN B 273 12.36 -24.31 -6.56
N CYS B 274 12.44 -23.15 -7.22
CA CYS B 274 13.25 -22.05 -6.72
C CYS B 274 12.65 -20.73 -7.14
N ALA B 275 13.01 -19.68 -6.41
CA ALA B 275 12.57 -18.33 -6.71
C ALA B 275 13.75 -17.38 -6.56
N THR B 276 13.81 -16.35 -7.41
CA THR B 276 14.90 -15.39 -7.40
C THR B 276 14.35 -13.98 -7.50
N LEU B 277 14.74 -13.11 -6.58
CA LEU B 277 14.32 -11.71 -6.55
C LEU B 277 15.55 -10.82 -6.49
N VAL B 278 15.61 -9.80 -7.35
CA VAL B 278 16.71 -8.84 -7.38
C VAL B 278 16.17 -7.51 -6.88
N LEU B 279 16.69 -7.05 -5.73
CA LEU B 279 16.18 -5.88 -5.04
C LEU B 279 17.18 -4.74 -5.15
N PRO B 280 16.82 -3.59 -5.71
CA PRO B 280 17.70 -2.42 -5.62
C PRO B 280 17.57 -1.75 -4.27
N TYR B 281 18.42 -0.77 -4.04
CA TYR B 281 18.35 0.03 -2.81
C TYR B 281 17.20 1.00 -2.90
N VAL B 282 16.32 0.98 -1.90
CA VAL B 282 15.14 1.83 -1.85
C VAL B 282 15.12 2.54 -0.50
N ASN B 283 14.93 3.86 -0.53
CA ASN B 283 14.86 4.66 0.68
C ASN B 283 14.55 6.09 0.25
N SER B 284 14.18 6.92 1.22
CA SER B 284 13.97 8.33 0.97
C SER B 284 15.26 9.14 1.11
N LEU B 285 16.38 8.48 1.41
CA LEU B 285 17.69 9.09 1.51
C LEU B 285 18.66 8.39 0.57
N SER B 286 19.74 9.08 0.21
CA SER B 286 20.74 8.47 -0.65
C SER B 286 21.51 7.38 0.09
N ILE B 287 21.81 7.61 1.37
CA ILE B 287 22.51 6.64 2.21
C ILE B 287 22.05 6.86 3.63
N ASP B 288 22.16 5.82 4.46
CA ASP B 288 21.54 5.83 5.78
C ASP B 288 22.32 4.92 6.71
N SER B 289 21.82 4.79 7.94
CA SER B 289 22.40 3.93 8.95
C SER B 289 21.80 2.53 8.84
N MET B 290 22.65 1.53 8.61
CA MET B 290 22.19 0.16 8.45
C MET B 290 21.85 -0.51 9.79
N VAL B 291 22.34 0.01 10.90
CA VAL B 291 22.10 -0.62 12.19
C VAL B 291 20.83 -0.13 12.86
N LYS B 292 20.29 1.02 12.44
CA LYS B 292 19.05 1.54 12.99
C LYS B 292 17.83 1.21 12.16
N HIS B 293 17.98 1.13 10.83
CA HIS B 293 16.87 1.08 9.90
C HIS B 293 17.02 -0.12 8.98
N ASN B 294 15.92 -0.85 8.78
CA ASN B 294 15.87 -1.95 7.84
C ASN B 294 15.19 -1.48 6.56
N ASN B 295 15.79 -1.79 5.42
CA ASN B 295 15.26 -1.34 4.14
C ASN B 295 14.24 -2.30 3.55
N TRP B 296 14.48 -3.61 3.61
CA TRP B 296 13.60 -4.57 2.98
C TRP B 296 13.12 -5.60 3.99
N GLY B 297 12.00 -6.22 3.69
CA GLY B 297 11.53 -7.38 4.43
C GLY B 297 11.12 -8.46 3.47
N ILE B 298 11.48 -9.70 3.81
CA ILE B 298 11.15 -10.87 3.02
C ILE B 298 10.11 -11.67 3.79
N ALA B 299 8.99 -11.98 3.13
CA ALA B 299 7.91 -12.74 3.75
C ALA B 299 7.59 -13.95 2.87
N ILE B 300 7.52 -15.12 3.50
CA ILE B 300 7.17 -16.36 2.83
C ILE B 300 5.93 -16.94 3.48
N LEU B 301 4.90 -17.21 2.68
CA LEU B 301 3.63 -17.71 3.20
C LEU B 301 3.12 -18.87 2.36
N PRO B 302 2.56 -19.92 2.99
CA PRO B 302 1.93 -20.99 2.22
C PRO B 302 0.60 -20.58 1.61
N LEU B 303 0.55 -20.45 0.28
CA LEU B 303 -0.70 -20.11 -0.39
C LEU B 303 -1.63 -21.31 -0.48
N ALA B 304 -1.07 -22.51 -0.61
CA ALA B 304 -1.83 -23.76 -0.59
C ALA B 304 -1.08 -24.72 0.32
N PRO B 305 -1.77 -25.37 1.27
CA PRO B 305 -1.05 -26.20 2.24
C PRO B 305 -0.35 -27.39 1.60
N LEU B 306 0.75 -27.80 2.24
CA LEU B 306 1.54 -28.92 1.77
C LEU B 306 0.79 -30.23 1.97
N ASN B 307 0.93 -31.15 1.01
CA ASN B 307 0.27 -32.44 1.07
C ASN B 307 1.07 -33.45 0.27
N PHE B 308 1.14 -34.68 0.78
CA PHE B 308 1.89 -35.76 0.14
C PHE B 308 1.11 -37.06 0.24
N ALA B 309 0.85 -37.68 -0.91
CA ALA B 309 0.15 -38.96 -0.98
C ALA B 309 -0.96 -39.07 0.05
N SER B 310 -0.77 -39.94 1.05
CA SER B 310 -1.75 -40.08 2.13
C SER B 310 -1.12 -39.90 3.50
N GLU B 311 0.17 -39.58 3.59
CA GLU B 311 0.80 -39.36 4.88
C GLU B 311 0.16 -38.18 5.60
N SER B 312 0.10 -38.27 6.92
CA SER B 312 -0.50 -37.23 7.74
C SER B 312 0.51 -36.22 8.27
N SER B 313 1.81 -36.40 8.01
CA SER B 313 2.84 -35.50 8.52
C SER B 313 4.01 -35.43 7.55
N PRO B 314 3.77 -34.93 6.34
CA PRO B 314 4.88 -34.62 5.44
C PRO B 314 5.63 -33.37 5.89
N GLU B 315 6.86 -33.25 5.40
CA GLU B 315 7.72 -32.12 5.75
C GLU B 315 8.79 -31.97 4.69
N ILE B 316 9.12 -30.73 4.34
CA ILE B 316 10.25 -30.49 3.42
C ILE B 316 10.98 -29.23 3.85
N PRO B 317 12.29 -29.17 3.59
CA PRO B 317 13.05 -27.98 3.97
C PRO B 317 12.95 -26.85 2.96
N ILE B 318 13.15 -25.64 3.46
CA ILE B 318 13.24 -24.42 2.65
C ILE B 318 14.51 -23.69 3.05
N THR B 319 15.32 -23.32 2.05
CA THR B 319 16.59 -22.65 2.29
C THR B 319 16.62 -21.30 1.60
N LEU B 320 17.34 -20.35 2.21
CA LEU B 320 17.49 -19.00 1.69
C LEU B 320 18.95 -18.66 1.49
N THR B 321 19.26 -18.03 0.37
CA THR B 321 20.61 -17.53 0.09
C THR B 321 20.50 -16.09 -0.38
N ILE B 322 21.28 -15.20 0.23
CA ILE B 322 21.20 -13.77 -0.06
C ILE B 322 22.59 -13.24 -0.37
N ALA B 323 22.67 -12.36 -1.36
CA ALA B 323 23.94 -11.77 -1.78
C ALA B 323 23.81 -10.25 -1.80
N PRO B 324 24.62 -9.51 -1.04
CA PRO B 324 24.68 -8.06 -1.22
C PRO B 324 25.25 -7.67 -2.57
N MET B 325 24.84 -6.50 -3.06
CA MET B 325 25.24 -6.02 -4.37
C MET B 325 25.51 -4.52 -4.31
N CYS B 326 26.65 -4.10 -4.88
CA CYS B 326 26.99 -2.69 -4.99
C CYS B 326 26.93 -1.99 -3.63
N CYS B 327 27.46 -2.65 -2.60
CA CYS B 327 27.41 -2.12 -1.25
C CYS B 327 28.56 -1.16 -1.01
N GLU B 328 28.27 -0.07 -0.28
CA GLU B 328 29.30 0.91 0.04
C GLU B 328 29.00 1.54 1.40
N PHE B 329 30.06 2.05 2.03
CA PHE B 329 30.03 2.50 3.42
C PHE B 329 30.75 3.83 3.58
N ASN B 330 30.39 4.54 4.64
CA ASN B 330 30.94 5.86 4.95
C ASN B 330 30.98 6.04 6.46
N GLY B 331 31.91 6.87 6.92
CA GLY B 331 31.97 7.22 8.33
C GLY B 331 32.65 6.20 9.24
N LEU B 332 33.94 5.97 9.05
CA LEU B 332 34.67 4.97 9.82
C LEU B 332 34.99 5.46 11.23
N ARG B 333 34.83 4.58 12.20
CA ARG B 333 35.07 4.87 13.61
C ARG B 333 35.33 3.54 14.32
N ASN B 334 35.29 3.56 15.65
CA ASN B 334 35.35 2.33 16.42
C ASN B 334 34.06 1.52 16.21
N ILE B 335 34.16 0.22 16.46
CA ILE B 335 33.09 -0.71 16.11
C ILE B 335 31.93 -0.56 17.07
N THR B 336 30.73 -0.82 16.56
CA THR B 336 29.51 -0.79 17.37
C THR B 336 29.31 -2.14 18.04
N LEU B 337 28.83 -2.10 19.29
CA LEU B 337 28.60 -3.31 20.10
C LEU B 337 27.17 -3.26 20.60
N PRO B 338 26.20 -3.68 19.79
CA PRO B 338 24.79 -3.56 20.19
C PRO B 338 24.42 -4.55 21.28
N ARG B 339 23.32 -4.23 21.96
CA ARG B 339 22.72 -5.13 22.95
C ARG B 339 21.66 -5.95 22.23
N LEU B 340 22.02 -7.17 21.81
CA LEU B 340 21.15 -8.01 21.00
C LEU B 340 20.46 -9.09 21.81
N GLN B 341 20.63 -9.11 23.14
CA GLN B 341 19.92 -10.06 23.99
C GLN B 341 19.29 -9.35 25.18
N GLY C 1 -10.23 53.78 -7.33
CA GLY C 1 -9.48 53.24 -8.49
C GLY C 1 -10.37 52.57 -9.52
N LEU C 2 -9.94 51.41 -10.00
CA LEU C 2 -10.69 50.69 -11.02
C LEU C 2 -12.07 50.33 -10.49
N PRO C 3 -13.16 50.65 -11.22
CA PRO C 3 -14.49 50.23 -10.76
C PRO C 3 -14.73 48.76 -11.02
N VAL C 4 -15.20 48.05 -9.99
CA VAL C 4 -15.42 46.61 -10.04
C VAL C 4 -16.79 46.30 -9.46
N MET C 5 -17.27 45.10 -9.78
CA MET C 5 -18.56 44.63 -9.28
C MET C 5 -18.41 43.19 -8.82
N ASN C 6 -18.91 42.89 -7.63
CA ASN C 6 -18.79 41.55 -7.05
C ASN C 6 -19.94 40.67 -7.52
N THR C 7 -19.60 39.45 -7.89
CA THR C 7 -20.54 38.49 -8.44
C THR C 7 -20.86 37.38 -7.45
N PRO C 8 -21.93 36.63 -7.65
CA PRO C 8 -22.25 35.52 -6.74
C PRO C 8 -21.12 34.52 -6.67
N GLY C 9 -20.93 33.95 -5.48
CA GLY C 9 -19.81 33.08 -5.22
C GLY C 9 -18.60 33.77 -4.63
N SER C 10 -18.76 34.99 -4.12
CA SER C 10 -17.67 35.73 -3.51
C SER C 10 -17.59 35.42 -2.03
N ASN C 11 -16.39 35.15 -1.54
CA ASN C 11 -16.12 34.84 -0.13
C ASN C 11 -16.64 33.48 0.26
N GLN C 12 -16.73 32.56 -0.70
CA GLN C 12 -17.08 31.17 -0.42
C GLN C 12 -15.81 30.32 -0.46
N TYR C 13 -15.90 29.13 0.13
CA TYR C 13 -14.82 28.15 0.10
C TYR C 13 -15.33 26.88 -0.55
N LEU C 14 -14.82 26.57 -1.74
CA LEU C 14 -15.09 25.33 -2.43
C LEU C 14 -13.84 24.46 -2.35
N THR C 15 -13.99 23.25 -1.79
CA THR C 15 -12.82 22.40 -1.56
C THR C 15 -12.21 21.88 -2.85
N ALA C 16 -12.88 22.03 -3.99
CA ALA C 16 -12.34 21.62 -5.28
C ALA C 16 -11.85 22.81 -6.10
N ASP C 17 -11.72 23.99 -5.50
CA ASP C 17 -11.25 25.16 -6.22
C ASP C 17 -9.75 25.08 -6.46
N ASN C 18 -9.27 25.96 -7.35
CA ASN C 18 -7.86 25.96 -7.75
C ASN C 18 -7.41 27.41 -7.90
N PHE C 19 -6.87 27.97 -6.81
CA PHE C 19 -6.49 29.38 -6.75
C PHE C 19 -5.10 29.51 -6.13
N GLN C 20 -4.45 30.62 -6.45
CA GLN C 20 -3.16 30.95 -5.85
C GLN C 20 -3.35 31.62 -4.50
N SER C 21 -2.42 31.37 -3.60
CA SER C 21 -2.42 31.95 -2.26
C SER C 21 -0.99 32.35 -1.90
N PRO C 22 -0.82 33.27 -0.97
CA PRO C 22 0.54 33.70 -0.59
C PRO C 22 1.31 32.60 0.13
N CYS C 23 2.63 32.64 -0.03
CA CYS C 23 3.53 31.65 0.55
C CYS C 23 3.98 32.10 1.93
N ALA C 24 3.90 31.20 2.90
CA ALA C 24 4.25 31.52 4.28
C ALA C 24 5.75 31.42 4.55
N LEU C 25 6.51 30.76 3.68
CA LEU C 25 7.95 30.59 3.84
C LEU C 25 8.65 31.01 2.55
N PRO C 26 8.72 32.31 2.28
CA PRO C 26 9.41 32.78 1.07
C PRO C 26 10.91 32.51 1.11
N GLU C 27 11.47 32.30 -0.08
CA GLU C 27 12.90 32.08 -0.28
C GLU C 27 13.40 30.81 0.36
N PHE C 28 12.51 29.89 0.71
CA PHE C 28 12.91 28.61 1.27
C PHE C 28 13.74 27.83 0.28
N ASP C 29 14.76 27.13 0.77
CA ASP C 29 15.67 26.35 -0.07
C ASP C 29 15.20 24.90 -0.06
N VAL C 30 14.57 24.47 -1.15
CA VAL C 30 13.91 23.18 -1.20
C VAL C 30 14.91 22.09 -1.57
N THR C 31 14.82 20.96 -0.86
CA THR C 31 15.67 19.82 -1.17
C THR C 31 15.31 19.26 -2.54
N PRO C 32 16.30 18.95 -3.38
CA PRO C 32 15.99 18.41 -4.71
C PRO C 32 15.59 16.94 -4.62
N PRO C 33 14.85 16.43 -5.60
CA PRO C 33 14.47 15.01 -5.58
C PRO C 33 15.57 14.13 -6.15
N ILE C 34 15.52 12.85 -5.75
CA ILE C 34 16.42 11.84 -6.29
C ILE C 34 15.59 10.84 -7.07
N ASP C 35 16.25 9.87 -7.71
CA ASP C 35 15.59 8.88 -8.54
C ASP C 35 15.29 7.67 -7.68
N ILE C 36 14.03 7.53 -7.25
CA ILE C 36 13.60 6.39 -6.44
C ILE C 36 12.89 5.40 -7.34
N PRO C 37 13.11 4.09 -7.17
CA PRO C 37 12.33 3.12 -7.95
C PRO C 37 10.88 3.05 -7.48
N GLY C 38 9.98 2.84 -8.44
CA GLY C 38 8.60 2.55 -8.14
C GLY C 38 7.67 3.75 -8.16
N GLU C 39 7.84 4.65 -9.13
CA GLU C 39 6.98 5.81 -9.23
C GLU C 39 5.70 5.49 -9.97
N VAL C 40 4.59 6.07 -9.50
CA VAL C 40 3.26 5.82 -10.05
C VAL C 40 2.71 7.12 -10.58
N LYS C 41 2.15 7.08 -11.80
CA LYS C 41 1.57 8.26 -12.44
C LYS C 41 0.05 8.21 -12.54
N ASN C 42 -0.56 7.03 -12.49
CA ASN C 42 -2.00 6.89 -12.59
C ASN C 42 -2.46 5.82 -11.61
N MET C 43 -3.70 5.99 -11.11
CA MET C 43 -4.26 4.98 -10.22
C MET C 43 -4.70 3.75 -11.00
N MET C 44 -4.90 3.87 -12.32
CA MET C 44 -5.24 2.71 -13.12
C MET C 44 -4.04 1.80 -13.31
N GLU C 45 -2.83 2.28 -13.03
CA GLU C 45 -1.65 1.43 -13.08
C GLU C 45 -1.68 0.37 -11.99
N LEU C 46 -2.33 0.66 -10.87
CA LEU C 46 -2.43 -0.29 -9.78
C LEU C 46 -3.58 -1.27 -9.96
N ALA C 47 -4.57 -0.94 -10.78
CA ALA C 47 -5.70 -1.82 -11.04
C ALA C 47 -5.38 -2.89 -12.07
N GLU C 48 -4.29 -2.73 -12.82
CA GLU C 48 -3.88 -3.71 -13.82
C GLU C 48 -2.96 -4.77 -13.25
N ILE C 49 -2.89 -4.90 -11.93
CA ILE C 49 -2.11 -5.94 -11.25
C ILE C 49 -3.10 -6.95 -10.69
N ASP C 50 -2.84 -8.23 -10.95
CA ASP C 50 -3.69 -9.31 -10.46
C ASP C 50 -3.60 -9.41 -8.94
N THR C 51 -4.75 -9.63 -8.30
CA THR C 51 -4.81 -9.85 -6.87
C THR C 51 -5.77 -11.00 -6.58
N MET C 52 -5.46 -11.75 -5.53
CA MET C 52 -6.18 -12.98 -5.23
C MET C 52 -7.61 -12.69 -4.78
N ILE C 53 -8.53 -13.57 -5.15
CA ILE C 53 -9.95 -13.40 -4.88
C ILE C 53 -10.34 -14.30 -3.71
N PRO C 54 -10.97 -13.77 -2.66
CA PRO C 54 -11.49 -14.64 -1.57
C PRO C 54 -12.83 -15.29 -1.92
N PHE C 55 -12.76 -16.40 -2.64
CA PHE C 55 -13.98 -17.03 -3.16
C PHE C 55 -14.85 -17.58 -2.03
N ASP C 56 -14.25 -18.24 -1.04
CA ASP C 56 -15.01 -19.03 -0.08
C ASP C 56 -15.19 -18.24 1.22
N LEU C 57 -16.23 -17.41 1.22
CA LEU C 57 -16.57 -16.61 2.40
C LEU C 57 -17.59 -17.32 3.28
N SER C 58 -17.30 -18.57 3.62
CA SER C 58 -18.17 -19.31 4.52
C SER C 58 -18.06 -18.77 5.93
N ALA C 59 -19.05 -19.13 6.77
CA ALA C 59 -19.05 -18.64 8.14
C ALA C 59 -17.83 -19.11 8.92
N THR C 60 -17.24 -20.24 8.51
CA THR C 60 -16.07 -20.78 9.18
C THR C 60 -14.77 -20.52 8.43
N LYS C 61 -14.84 -20.05 7.19
CA LYS C 61 -13.64 -19.81 6.38
C LYS C 61 -13.35 -18.34 6.16
N LYS C 62 -14.32 -17.45 6.33
CA LYS C 62 -14.08 -16.03 6.10
C LYS C 62 -13.17 -15.46 7.19
N ASN C 63 -12.36 -14.48 6.81
CA ASN C 63 -11.41 -13.84 7.72
C ASN C 63 -10.37 -14.84 8.21
N THR C 64 -9.92 -15.69 7.31
CA THR C 64 -8.84 -16.63 7.56
C THR C 64 -8.05 -16.80 6.26
N MET C 65 -7.18 -17.80 6.22
CA MET C 65 -6.43 -18.10 5.01
C MET C 65 -7.16 -19.07 4.10
N GLU C 66 -8.11 -19.84 4.63
CA GLU C 66 -8.83 -20.83 3.84
C GLU C 66 -9.80 -20.22 2.84
N MET C 67 -10.05 -18.91 2.91
CA MET C 67 -11.05 -18.28 2.04
C MET C 67 -10.53 -18.03 0.63
N TYR C 68 -9.24 -18.22 0.37
CA TYR C 68 -8.69 -17.98 -0.96
C TYR C 68 -8.59 -19.23 -1.81
N ARG C 69 -8.93 -20.40 -1.27
CA ARG C 69 -8.70 -21.68 -1.92
C ARG C 69 -10.03 -22.30 -2.33
N VAL C 70 -10.09 -22.82 -3.56
CA VAL C 70 -11.28 -23.51 -4.05
C VAL C 70 -10.94 -24.99 -4.21
N ARG C 71 -11.69 -25.84 -3.52
CA ARG C 71 -11.37 -27.26 -3.43
C ARG C 71 -11.88 -28.03 -4.65
N LEU C 72 -11.03 -28.91 -5.17
CA LEU C 72 -11.37 -29.82 -6.26
C LEU C 72 -11.02 -31.24 -5.85
N SER C 73 -11.70 -32.20 -6.46
CA SER C 73 -11.50 -33.61 -6.15
C SER C 73 -11.65 -34.43 -7.42
N ASP C 74 -11.37 -35.74 -7.30
CA ASP C 74 -11.42 -36.67 -8.43
C ASP C 74 -12.71 -37.48 -8.43
N LYS C 75 -13.82 -36.87 -8.01
CA LYS C 75 -15.09 -37.56 -7.98
C LYS C 75 -15.64 -37.77 -9.39
N PRO C 76 -16.62 -38.65 -9.55
CA PRO C 76 -17.21 -38.88 -10.88
C PRO C 76 -17.78 -37.59 -11.46
N HIS C 77 -17.79 -37.52 -12.79
CA HIS C 77 -18.19 -36.31 -13.50
C HIS C 77 -19.60 -35.87 -13.11
N THR C 78 -19.76 -34.56 -12.93
CA THR C 78 -21.05 -33.97 -12.61
C THR C 78 -21.17 -32.63 -13.33
N ASP C 79 -22.41 -32.17 -13.52
CA ASP C 79 -22.70 -30.93 -14.21
C ASP C 79 -23.01 -29.78 -13.27
N ASP C 80 -22.77 -29.94 -11.98
CA ASP C 80 -23.00 -28.85 -11.04
C ASP C 80 -21.82 -27.89 -11.02
N PRO C 81 -22.06 -26.62 -10.69
CA PRO C 81 -20.98 -25.63 -10.75
C PRO C 81 -20.00 -25.75 -9.58
N ILE C 82 -18.78 -25.32 -9.83
CA ILE C 82 -17.75 -25.27 -8.81
C ILE C 82 -17.80 -23.96 -8.02
N LEU C 83 -17.95 -22.83 -8.72
CA LEU C 83 -18.14 -21.55 -8.06
C LEU C 83 -19.04 -20.68 -8.94
N CYS C 84 -19.75 -19.76 -8.29
CA CYS C 84 -20.65 -18.83 -8.96
C CYS C 84 -20.34 -17.42 -8.47
N LEU C 85 -20.30 -16.46 -9.39
CA LEU C 85 -19.87 -15.11 -9.03
C LEU C 85 -20.55 -14.09 -9.93
N SER C 86 -21.19 -13.09 -9.34
CA SER C 86 -21.83 -12.03 -10.09
C SER C 86 -20.84 -10.91 -10.37
N LEU C 87 -20.90 -10.36 -11.59
CA LEU C 87 -19.94 -9.35 -12.04
C LEU C 87 -20.34 -7.99 -11.48
N SER C 88 -20.02 -7.78 -10.21
CA SER C 88 -20.17 -6.49 -9.54
C SER C 88 -18.84 -6.18 -8.87
N PRO C 89 -17.87 -5.64 -9.61
CA PRO C 89 -16.50 -5.55 -9.08
C PRO C 89 -16.37 -4.68 -7.84
N ALA C 90 -17.32 -3.81 -7.54
CA ALA C 90 -17.21 -2.91 -6.40
C ALA C 90 -18.15 -3.25 -5.25
N SER C 91 -19.23 -3.99 -5.51
CA SER C 91 -20.21 -4.30 -4.49
C SER C 91 -20.33 -5.79 -4.18
N ASP C 92 -19.77 -6.65 -5.01
CA ASP C 92 -19.77 -8.08 -4.71
C ASP C 92 -18.86 -8.35 -3.51
N PRO C 93 -19.34 -9.04 -2.46
CA PRO C 93 -18.48 -9.25 -1.29
C PRO C 93 -17.19 -9.99 -1.62
N ARG C 94 -17.17 -10.78 -2.68
CA ARG C 94 -15.98 -11.53 -3.06
C ARG C 94 -15.06 -10.75 -4.00
N LEU C 95 -15.47 -9.56 -4.44
CA LEU C 95 -14.66 -8.73 -5.32
C LEU C 95 -14.41 -7.33 -4.79
N SER C 96 -15.11 -6.91 -3.74
CA SER C 96 -15.06 -5.52 -3.28
C SER C 96 -13.78 -5.18 -2.53
N HIS C 97 -13.08 -6.17 -1.97
CA HIS C 97 -11.89 -5.92 -1.18
C HIS C 97 -10.61 -6.32 -1.90
N THR C 98 -10.71 -6.69 -3.17
CA THR C 98 -9.52 -6.81 -3.99
C THR C 98 -9.00 -5.42 -4.33
N MET C 99 -7.79 -5.36 -4.89
CA MET C 99 -7.20 -4.06 -5.22
C MET C 99 -8.08 -3.30 -6.21
N LEU C 100 -8.57 -4.00 -7.23
CA LEU C 100 -9.48 -3.37 -8.19
C LEU C 100 -10.74 -2.88 -7.48
N GLY C 101 -11.30 -3.68 -6.57
CA GLY C 101 -12.48 -3.24 -5.84
C GLY C 101 -12.20 -2.07 -4.93
N GLU C 102 -11.06 -2.08 -4.24
CA GLU C 102 -10.70 -0.96 -3.38
C GLU C 102 -10.57 0.33 -4.19
N ILE C 103 -9.94 0.26 -5.35
CA ILE C 103 -9.80 1.46 -6.18
C ILE C 103 -11.16 1.89 -6.72
N LEU C 104 -12.01 0.93 -7.09
CA LEU C 104 -13.32 1.27 -7.62
C LEU C 104 -14.21 1.91 -6.56
N ASN C 105 -14.00 1.58 -5.29
CA ASN C 105 -14.84 2.15 -4.24
C ASN C 105 -14.55 3.64 -3.98
N TYR C 106 -13.54 4.21 -4.63
CA TYR C 106 -13.31 5.65 -4.57
C TYR C 106 -13.94 6.39 -5.73
N TYR C 107 -14.63 5.69 -6.63
CA TYR C 107 -15.20 6.29 -7.82
C TYR C 107 -16.64 5.84 -7.97
N THR C 108 -17.37 6.54 -8.84
CA THR C 108 -18.78 6.28 -9.06
C THR C 108 -19.08 5.58 -10.38
N HIS C 109 -18.25 5.76 -11.40
CA HIS C 109 -18.48 5.14 -12.70
C HIS C 109 -17.24 4.40 -13.17
N TRP C 110 -17.44 3.23 -13.78
CA TRP C 110 -16.35 2.45 -14.34
C TRP C 110 -16.77 1.89 -15.69
N ALA C 111 -15.77 1.58 -16.51
CA ALA C 111 -16.01 0.95 -17.81
C ALA C 111 -14.75 0.23 -18.26
N GLY C 112 -14.95 -0.86 -19.00
CA GLY C 112 -13.84 -1.60 -19.59
C GLY C 112 -13.96 -3.10 -19.44
N SER C 113 -12.98 -3.83 -19.94
CA SER C 113 -12.93 -5.27 -19.87
C SER C 113 -12.12 -5.73 -18.66
N LEU C 114 -12.35 -6.98 -18.25
CA LEU C 114 -11.67 -7.57 -17.11
C LEU C 114 -10.99 -8.86 -17.54
N LYS C 115 -10.09 -9.36 -16.69
CA LYS C 115 -9.52 -10.69 -16.92
C LYS C 115 -9.36 -11.41 -15.60
N PHE C 116 -9.83 -12.65 -15.57
CA PHE C 116 -9.73 -13.55 -14.42
C PHE C 116 -8.73 -14.65 -14.74
N THR C 117 -7.80 -14.89 -13.84
CA THR C 117 -6.76 -15.89 -14.01
C THR C 117 -6.90 -16.95 -12.92
N PHE C 118 -6.86 -18.22 -13.32
CA PHE C 118 -6.97 -19.35 -12.40
C PHE C 118 -5.69 -20.16 -12.43
N MET C 119 -5.22 -20.57 -11.25
CA MET C 119 -4.02 -21.38 -11.10
C MET C 119 -4.36 -22.67 -10.37
N PHE C 120 -3.80 -23.77 -10.86
CA PHE C 120 -4.03 -25.11 -10.34
C PHE C 120 -2.85 -25.52 -9.48
N CYS C 121 -3.14 -26.04 -8.28
CA CYS C 121 -2.12 -26.33 -7.27
C CYS C 121 -2.21 -27.78 -6.82
N GLY C 122 -2.35 -28.70 -7.77
CA GLY C 122 -2.31 -30.11 -7.49
C GLY C 122 -0.95 -30.71 -7.79
N SER C 123 -0.91 -32.04 -7.78
CA SER C 123 0.31 -32.74 -8.13
C SER C 123 0.55 -32.66 -9.64
N MET C 124 1.80 -32.90 -10.04
CA MET C 124 2.11 -33.00 -11.46
C MET C 124 1.51 -34.24 -12.09
N MET C 125 1.03 -35.18 -11.30
CA MET C 125 0.44 -36.42 -11.80
C MET C 125 -1.06 -36.34 -11.98
N ALA C 126 -1.66 -35.17 -11.79
CA ALA C 126 -3.09 -34.96 -11.96
C ALA C 126 -3.39 -34.36 -13.33
N THR C 127 -4.58 -34.68 -13.85
CA THR C 127 -5.02 -34.17 -15.14
C THR C 127 -6.51 -33.86 -15.06
N GLY C 128 -6.96 -32.97 -15.94
CA GLY C 128 -8.38 -32.64 -16.00
C GLY C 128 -8.64 -31.55 -17.00
N LYS C 129 -9.93 -31.30 -17.22
CA LYS C 129 -10.39 -30.24 -18.10
C LYS C 129 -11.55 -29.51 -17.44
N LEU C 130 -11.55 -28.18 -17.52
CA LEU C 130 -12.54 -27.35 -16.87
C LEU C 130 -13.16 -26.40 -17.89
N LEU C 131 -14.26 -25.77 -17.48
CA LEU C 131 -15.03 -24.87 -18.33
C LEU C 131 -15.30 -23.59 -17.55
N VAL C 132 -14.77 -22.47 -18.03
CA VAL C 132 -14.94 -21.17 -17.38
C VAL C 132 -15.88 -20.34 -18.25
N SER C 133 -17.00 -19.88 -17.67
CA SER C 133 -18.08 -19.27 -18.45
C SER C 133 -18.46 -17.91 -17.90
N TYR C 134 -18.80 -17.00 -18.82
CA TYR C 134 -19.39 -15.70 -18.52
C TYR C 134 -20.66 -15.53 -19.34
N ALA C 135 -21.73 -15.09 -18.69
CA ALA C 135 -23.05 -14.92 -19.30
C ALA C 135 -23.53 -13.48 -19.12
N PRO C 136 -23.82 -12.75 -20.20
CA PRO C 136 -24.43 -11.42 -20.05
C PRO C 136 -25.77 -11.49 -19.36
N PRO C 137 -26.24 -10.39 -18.79
CA PRO C 137 -27.47 -10.42 -17.99
C PRO C 137 -28.73 -10.45 -18.84
N GLY C 138 -29.85 -10.76 -18.19
CA GLY C 138 -31.17 -10.75 -18.80
C GLY C 138 -31.91 -12.07 -18.66
N ALA C 139 -31.19 -13.18 -18.63
CA ALA C 139 -31.79 -14.50 -18.52
C ALA C 139 -31.52 -15.08 -17.14
N ASP C 140 -31.91 -16.34 -16.94
CA ASP C 140 -31.66 -17.00 -15.67
C ASP C 140 -30.17 -17.26 -15.50
N PRO C 141 -29.62 -17.11 -14.30
CA PRO C 141 -28.21 -17.45 -14.07
C PRO C 141 -27.97 -18.92 -14.34
N PRO C 142 -26.88 -19.27 -15.03
CA PRO C 142 -26.62 -20.70 -15.31
C PRO C 142 -26.42 -21.50 -14.04
N LYS C 143 -26.99 -22.70 -14.02
CA LYS C 143 -26.77 -23.65 -12.94
C LYS C 143 -26.32 -25.01 -13.44
N LYS C 144 -26.25 -25.21 -14.76
CA LYS C 144 -25.79 -26.45 -15.36
C LYS C 144 -24.84 -26.11 -16.50
N ARG C 145 -23.92 -27.03 -16.79
CA ARG C 145 -23.01 -26.81 -17.90
C ARG C 145 -23.77 -26.59 -19.20
N LYS C 146 -24.96 -27.19 -19.31
CA LYS C 146 -25.77 -27.03 -20.51
C LYS C 146 -26.10 -25.56 -20.77
N GLU C 147 -26.50 -24.83 -19.73
CA GLU C 147 -26.81 -23.41 -19.89
C GLU C 147 -25.55 -22.56 -20.03
N ALA C 148 -24.54 -22.83 -19.21
CA ALA C 148 -23.31 -22.03 -19.26
C ALA C 148 -22.60 -22.16 -20.59
N MET C 149 -22.80 -23.28 -21.28
CA MET C 149 -22.14 -23.53 -22.57
C MET C 149 -22.65 -22.60 -23.67
N LEU C 150 -23.74 -21.87 -23.44
CA LEU C 150 -24.30 -21.00 -24.47
C LEU C 150 -23.75 -19.58 -24.45
N GLY C 151 -23.15 -19.15 -23.35
CA GLY C 151 -22.52 -17.84 -23.26
C GLY C 151 -21.06 -17.90 -23.66
N THR C 152 -20.32 -16.86 -23.29
CA THR C 152 -18.89 -16.86 -23.54
C THR C 152 -18.21 -17.87 -22.62
N HIS C 153 -17.21 -18.58 -23.14
CA HIS C 153 -16.56 -19.57 -22.30
C HIS C 153 -15.23 -19.98 -22.88
N VAL C 154 -14.39 -20.54 -22.00
CA VAL C 154 -13.09 -21.10 -22.33
C VAL C 154 -13.02 -22.50 -21.75
N ILE C 155 -12.30 -23.38 -22.44
CA ILE C 155 -12.03 -24.73 -21.97
C ILE C 155 -10.57 -24.81 -21.57
N TRP C 156 -10.33 -25.12 -20.30
CA TRP C 156 -9.00 -25.12 -19.71
C TRP C 156 -8.50 -26.55 -19.60
N ASP C 157 -7.41 -26.86 -20.29
CA ASP C 157 -6.75 -28.15 -20.21
C ASP C 157 -5.51 -28.00 -19.34
N ILE C 158 -5.43 -28.81 -18.28
CA ILE C 158 -4.40 -28.67 -17.26
C ILE C 158 -3.19 -29.52 -17.68
N GLY C 159 -2.07 -28.87 -17.96
CA GLY C 159 -0.85 -29.53 -18.37
C GLY C 159 0.39 -28.84 -17.84
N LEU C 160 1.38 -28.62 -18.71
CA LEU C 160 2.59 -27.93 -18.27
C LEU C 160 2.29 -26.50 -17.83
N GLN C 161 1.45 -25.79 -18.57
CA GLN C 161 0.97 -24.48 -18.15
C GLN C 161 -0.16 -24.68 -17.15
N SER C 162 0.07 -24.26 -15.92
CA SER C 162 -0.87 -24.50 -14.83
C SER C 162 -1.84 -23.36 -14.61
N SER C 163 -1.84 -22.36 -15.48
CA SER C 163 -2.71 -21.19 -15.34
C SER C 163 -3.55 -21.00 -16.59
N CYS C 164 -4.74 -20.43 -16.40
CA CYS C 164 -5.62 -20.06 -17.51
C CYS C 164 -6.14 -18.65 -17.29
N THR C 165 -6.35 -17.94 -18.39
CA THR C 165 -6.90 -16.58 -18.35
C THR C 165 -8.18 -16.53 -19.17
N MET C 166 -9.20 -15.87 -18.61
CA MET C 166 -10.47 -15.66 -19.29
C MET C 166 -10.78 -14.17 -19.25
N VAL C 167 -10.98 -13.57 -20.43
CA VAL C 167 -11.27 -12.15 -20.55
C VAL C 167 -12.77 -11.95 -20.61
N VAL C 168 -13.29 -11.06 -19.76
CA VAL C 168 -14.69 -10.65 -19.78
C VAL C 168 -14.76 -9.35 -20.56
N PRO C 169 -15.32 -9.35 -21.78
CA PRO C 169 -15.35 -8.12 -22.58
C PRO C 169 -16.43 -7.15 -22.12
N TRP C 170 -16.29 -5.92 -22.57
CA TRP C 170 -17.24 -4.85 -22.24
C TRP C 170 -18.48 -5.03 -23.11
N ILE C 171 -19.59 -5.41 -22.48
CA ILE C 171 -20.89 -5.57 -23.14
C ILE C 171 -21.90 -4.84 -22.28
N SER C 172 -22.18 -3.58 -22.61
CA SER C 172 -23.05 -2.74 -21.79
C SER C 172 -23.96 -1.94 -22.70
N ASN C 173 -25.12 -1.54 -22.15
CA ASN C 173 -26.01 -0.63 -22.85
C ASN C 173 -25.65 0.83 -22.59
N THR C 174 -25.24 1.15 -21.37
CA THR C 174 -24.75 2.48 -21.05
C THR C 174 -23.24 2.56 -21.26
N THR C 175 -22.74 3.79 -21.36
CA THR C 175 -21.31 4.01 -21.56
C THR C 175 -20.51 3.76 -20.28
N TYR C 176 -21.14 3.87 -19.12
CA TYR C 176 -20.49 3.60 -17.85
C TYR C 176 -21.45 2.80 -16.97
N ARG C 177 -20.88 2.08 -16.02
CA ARG C 177 -21.65 1.32 -15.04
C ARG C 177 -21.42 1.90 -13.65
N LEU C 178 -22.45 1.82 -12.82
CA LEU C 178 -22.36 2.29 -11.44
C LEU C 178 -21.59 1.30 -10.59
N THR C 179 -20.92 1.81 -9.57
CA THR C 179 -20.12 0.99 -8.65
C THR C 179 -20.94 0.52 -7.45
N ILE C 180 -22.26 0.41 -7.60
CA ILE C 180 -23.13 -0.11 -6.56
C ILE C 180 -24.00 -1.20 -7.17
N ASP C 181 -24.76 -1.89 -6.32
CA ASP C 181 -25.67 -2.91 -6.79
C ASP C 181 -26.88 -2.25 -7.45
N ASP C 182 -27.07 -2.52 -8.73
CA ASP C 182 -28.08 -1.83 -9.52
C ASP C 182 -28.59 -2.77 -10.60
N SER C 183 -29.92 -2.79 -10.78
CA SER C 183 -30.52 -3.68 -11.77
C SER C 183 -30.36 -3.15 -13.19
N PHE C 184 -30.36 -1.84 -13.38
CA PHE C 184 -30.27 -1.28 -14.73
C PHE C 184 -28.86 -1.37 -15.31
N THR C 185 -27.84 -1.56 -14.48
CA THR C 185 -26.46 -1.66 -14.93
C THR C 185 -25.80 -2.93 -14.41
N GLU C 186 -26.57 -4.00 -14.25
CA GLU C 186 -26.00 -5.27 -13.83
C GLU C 186 -25.04 -5.80 -14.88
N GLY C 187 -24.06 -6.58 -14.44
CA GLY C 187 -22.94 -6.96 -15.29
C GLY C 187 -23.02 -8.34 -15.93
N GLY C 188 -23.58 -9.32 -15.22
CA GLY C 188 -23.67 -10.67 -15.72
C GLY C 188 -23.19 -11.66 -14.69
N TYR C 189 -22.92 -12.88 -15.14
CA TYR C 189 -22.61 -13.99 -14.25
C TYR C 189 -21.36 -14.72 -14.72
N ILE C 190 -20.68 -15.35 -13.78
CA ILE C 190 -19.44 -16.10 -14.05
C ILE C 190 -19.51 -17.41 -13.27
N SER C 191 -19.07 -18.49 -13.91
CA SER C 191 -19.14 -19.81 -13.28
C SER C 191 -18.04 -20.71 -13.82
N VAL C 192 -17.79 -21.79 -13.10
CA VAL C 192 -16.78 -22.78 -13.45
C VAL C 192 -17.38 -24.18 -13.31
N PHE C 193 -17.11 -25.04 -14.28
CA PHE C 193 -17.68 -26.38 -14.36
C PHE C 193 -16.59 -27.38 -14.70
N TYR C 194 -16.87 -28.65 -14.43
CA TYR C 194 -16.02 -29.73 -14.91
C TYR C 194 -16.38 -30.06 -16.36
N GLN C 195 -15.39 -30.00 -17.25
CA GLN C 195 -15.60 -30.51 -18.60
C GLN C 195 -15.50 -32.03 -18.61
N THR C 196 -14.35 -32.56 -18.23
CA THR C 196 -14.17 -33.92 -17.75
C THR C 196 -13.89 -33.86 -16.25
N ARG C 197 -13.63 -35.02 -15.64
CA ARG C 197 -13.32 -35.04 -14.23
C ARG C 197 -11.81 -34.92 -14.02
N ILE C 198 -11.40 -34.89 -12.76
CA ILE C 198 -9.98 -34.90 -12.39
C ILE C 198 -9.54 -36.35 -12.21
N VAL C 199 -8.41 -36.71 -12.80
CA VAL C 199 -7.91 -38.07 -12.79
C VAL C 199 -6.51 -38.07 -12.18
N VAL C 200 -6.28 -38.97 -11.23
CA VAL C 200 -4.96 -39.12 -10.61
C VAL C 200 -4.62 -40.60 -10.55
N PRO C 201 -3.33 -40.93 -10.48
CA PRO C 201 -2.93 -42.33 -10.24
C PRO C 201 -2.93 -42.67 -8.75
N LEU C 202 -2.48 -43.87 -8.41
CA LEU C 202 -2.38 -44.25 -7.01
C LEU C 202 -1.19 -43.54 -6.35
N SER C 203 -1.29 -43.39 -5.03
CA SER C 203 -0.26 -42.73 -4.23
C SER C 203 -0.17 -41.23 -4.50
N THR C 204 -1.32 -40.61 -4.79
CA THR C 204 -1.40 -39.18 -5.04
C THR C 204 -2.55 -38.61 -4.24
N PRO C 205 -2.45 -37.36 -3.78
CA PRO C 205 -3.60 -36.74 -3.10
C PRO C 205 -4.80 -36.66 -4.05
N ARG C 206 -5.97 -36.96 -3.51
CA ARG C 206 -7.22 -36.94 -4.27
C ARG C 206 -7.97 -35.63 -4.15
N GLU C 207 -7.46 -34.68 -3.36
CA GLU C 207 -8.07 -33.36 -3.22
C GLU C 207 -6.99 -32.31 -3.45
N MET C 208 -7.35 -31.25 -4.17
CA MET C 208 -6.42 -30.17 -4.48
C MET C 208 -7.16 -28.84 -4.39
N ASP C 209 -6.42 -27.76 -4.64
CA ASP C 209 -6.95 -26.41 -4.57
C ASP C 209 -6.64 -25.65 -5.85
N ILE C 210 -7.49 -24.67 -6.15
CA ILE C 210 -7.19 -23.69 -7.19
C ILE C 210 -7.32 -22.30 -6.59
N LEU C 211 -6.57 -21.36 -7.18
CA LEU C 211 -6.54 -19.97 -6.77
C LEU C 211 -6.98 -19.08 -7.92
N GLY C 212 -7.58 -17.95 -7.59
CA GLY C 212 -8.10 -17.04 -8.61
C GLY C 212 -7.64 -15.61 -8.38
N PHE C 213 -7.45 -14.91 -9.50
CA PHE C 213 -7.01 -13.52 -9.51
C PHE C 213 -7.85 -12.75 -10.51
N VAL C 214 -7.99 -11.44 -10.28
CA VAL C 214 -8.74 -10.57 -11.18
C VAL C 214 -7.95 -9.30 -11.42
N SER C 215 -7.98 -8.79 -12.66
CA SER C 215 -7.39 -7.50 -12.95
C SER C 215 -8.11 -6.87 -14.15
N ALA C 216 -7.71 -5.65 -14.47
CA ALA C 216 -8.31 -4.88 -15.55
C ALA C 216 -7.45 -4.92 -16.80
N CYS C 217 -8.07 -4.58 -17.92
CA CYS C 217 -7.37 -4.53 -19.20
C CYS C 217 -6.91 -3.10 -19.48
N ASN C 218 -6.36 -2.86 -20.68
CA ASN C 218 -5.80 -1.57 -21.00
C ASN C 218 -6.83 -0.56 -21.46
N ASP C 219 -8.10 -0.95 -21.58
CA ASP C 219 -9.18 -0.05 -21.98
C ASP C 219 -10.11 0.27 -20.82
N PHE C 220 -9.60 0.22 -19.60
CA PHE C 220 -10.41 0.38 -18.39
C PHE C 220 -10.25 1.79 -17.84
N SER C 221 -11.36 2.38 -17.40
CA SER C 221 -11.33 3.74 -16.86
C SER C 221 -12.44 3.91 -15.83
N VAL C 222 -12.28 4.94 -15.00
CA VAL C 222 -13.21 5.29 -13.93
C VAL C 222 -13.43 6.80 -13.94
N ARG C 223 -14.45 7.24 -13.20
CA ARG C 223 -14.70 8.67 -13.08
C ARG C 223 -15.66 8.95 -11.93
N LEU C 224 -15.77 10.24 -11.60
CA LEU C 224 -16.53 10.79 -10.48
C LEU C 224 -16.00 10.36 -9.11
N LEU C 225 -14.79 10.80 -8.78
CA LEU C 225 -14.21 10.58 -7.47
C LEU C 225 -15.21 10.84 -6.35
N ARG C 226 -15.17 10.00 -5.33
CA ARG C 226 -16.08 10.10 -4.20
C ARG C 226 -15.37 9.55 -2.96
N ASP C 227 -16.13 9.25 -1.91
CA ASP C 227 -15.61 8.70 -0.68
C ASP C 227 -16.03 7.25 -0.50
N THR C 228 -15.23 6.51 0.27
CA THR C 228 -15.43 5.07 0.46
C THR C 228 -16.14 4.80 1.77
N THR C 229 -16.75 3.62 1.85
CA THR C 229 -17.33 3.11 3.08
C THR C 229 -16.41 2.11 3.78
N HIS C 230 -15.17 1.97 3.32
CA HIS C 230 -14.24 0.98 3.84
C HIS C 230 -13.38 1.50 4.98
N ILE C 231 -13.61 2.73 5.42
CA ILE C 231 -12.89 3.28 6.57
C ILE C 231 -13.84 4.24 7.28
N GLU C 232 -13.75 4.29 8.61
CA GLU C 232 -14.62 5.14 9.41
C GLU C 232 -13.88 5.54 10.67
N GLN C 233 -14.55 6.35 11.49
CA GLN C 233 -13.95 6.88 12.71
C GLN C 233 -15.05 7.24 13.69
N LYS C 234 -14.70 7.27 14.98
CA LYS C 234 -15.65 7.63 16.02
C LYS C 234 -15.12 8.75 16.89
N ALA C 235 -13.82 8.75 17.17
CA ALA C 235 -13.18 9.77 17.99
C ALA C 235 -11.99 10.35 17.25
N LEU C 236 -11.74 11.63 17.46
CA LEU C 236 -10.67 12.32 16.76
C LEU C 236 -9.33 11.95 17.38
N ALA C 237 -8.38 11.56 16.53
CA ALA C 237 -7.06 11.14 16.98
C ALA C 237 -7.18 9.99 17.98
CAA YM2 D . 0.83 31.02 10.49
CAM YM2 D . 0.49 30.21 9.33
OAV YM2 D . 1.75 29.83 8.79
NAT YM2 D . 1.80 28.42 8.68
CAD YM2 D . 2.92 28.05 8.21
CAY YM2 D . 3.28 26.62 8.14
CAJ YM2 D . 4.54 26.23 7.68
CAL YM2 D . 4.93 24.90 7.69
CAI YM2 D . 2.41 25.63 8.57
CAK YM2 D . 2.78 24.30 8.58
CAZ YM2 D . 4.05 23.94 8.15
OAW YM2 D . 4.45 22.63 8.20
CAN YM2 D . 3.97 21.74 7.18
CAO YM2 D . 4.40 20.34 7.50
CBB YM2 D . 3.67 19.38 6.55
CAB YM2 D . 4.03 19.65 5.10
CAP YM2 D . 3.95 17.92 6.92
CAQ YM2 D . 2.94 16.93 6.36
NBC YM2 D . 3.36 15.53 6.44
CAX YM2 D . 3.19 14.76 7.56
OAC YM2 D . 2.57 15.09 8.55
CAR YM2 D . 4.36 14.96 5.55
CAS YM2 D . 4.47 13.52 6.01
NBD YM2 D . 3.84 13.56 7.35
CBA YM2 D . 3.92 12.48 8.26
CAG YM2 D . 3.53 12.61 9.58
CAE YM2 D . 3.63 11.52 10.42
NAU YM2 D . 4.08 10.33 10.03
CAF YM2 D . 4.45 10.21 8.76
CAH YM2 D . 4.39 11.23 7.84
N1 GSH E . -19.14 13.44 18.50
CA1 GSH E . -17.87 14.08 18.83
C1 GSH E . -17.99 14.68 20.24
O11 GSH E . -17.67 15.83 20.44
O12 GSH E . -18.46 13.87 21.16
CB1 GSH E . -17.69 15.34 18.00
CG1 GSH E . -17.63 14.98 16.51
CD1 GSH E . -16.22 14.84 16.02
OE1 GSH E . -15.26 15.29 16.63
N2 GSH E . -16.08 14.17 14.86
CA2 GSH E . -14.78 13.95 14.25
C2 GSH E . -14.97 14.39 12.80
O2 GSH E . -14.40 13.80 11.89
CB2 GSH E . -14.46 12.46 14.29
SG2 GSH E . -15.92 11.40 14.24
N3 GSH E . -15.77 15.43 12.59
CA3 GSH E . -16.02 15.94 11.27
C3 GSH E . -16.37 17.41 11.27
O31 GSH E . -15.77 18.24 10.62
O32 GSH E . -17.38 17.68 12.04
#